data_7AQY
#
_entry.id   7AQY
#
_cell.length_a   82.644
_cell.length_b   97.749
_cell.length_c   104.506
_cell.angle_alpha   90.000
_cell.angle_beta   90.000
_cell.angle_gamma   90.000
#
_symmetry.space_group_name_H-M   'P 21 21 21'
#
loop_
_entity.id
_entity.type
_entity.pdbx_description
1 polymer 'Variant surface glycoprotein MITAT 1.2'
2 polymer 'Nanobody VSG2(NB11)'
3 branched beta-D-mannopyranose-(1-4)-2-acetamido-2-deoxy-beta-D-glucopyranose-(1-4)-2-acetamido-2-deoxy-beta-D-glucopyranose
4 water water
#
loop_
_entity_poly.entity_id
_entity_poly.type
_entity_poly.pdbx_seq_one_letter_code
_entity_poly.pdbx_strand_id
1 'polypeptide(L)'
;AAEKGFKQAFWQPLCQVSEELDDQPKGALFTLQAAASKIQKMRDAALRASIYAEINHGTNRAKAAVIVANHYAMKADSGL
EALKQTLSSQEVTATATASYLKGRIDEYLNLLLQTKESGTSGCMMDTSGTNTVTKAGGTIGGVPCKLQLSPIQPKRPAAT
YLGKAGYVGLTRQADAANNFHDNDAECRLASGHNTNGLGKSGQLSAAVTMAAGYVTVANSQTAVTVQALDALQEASGAAH
QPWIDAWKAKKALTGAETAEFRNETAGIAGKTGVTKLVEEALLKKKDSEASEIQTELKKYFSGHENEQWTAIEKLISEQP
VAQNLVGDNQPTKLGELEGNAKLTTILAYYRMETAGKFEVLTQK
;
A,B
2 'polypeptide(L)'
;QVQLQESGGGLVQAGGSLTLSCAVSGLTFSNYAMGWFRQAPGKEREFVAAITWDGGNTYYTDSVKGRFTISRDNAKNTVF
LQMNSLKPEDTAVYYCAAKLLGSSRYELALAGYDYWGQGTQVTVSSHHHHHH
;
D,C
#
loop_
_chem_comp.id
_chem_comp.type
_chem_comp.name
_chem_comp.formula
BMA D-saccharide, beta linking beta-D-mannopyranose 'C6 H12 O6'
NAG D-saccharide, beta linking 2-acetamido-2-deoxy-beta-D-glucopyranose 'C8 H15 N O6'
#
# COMPACT_ATOMS: atom_id res chain seq x y z
N ALA A 1 28.30 -33.58 -18.42
CA ALA A 1 29.09 -34.37 -17.49
C ALA A 1 29.18 -33.66 -16.16
N ALA A 2 29.30 -34.44 -15.08
CA ALA A 2 29.40 -33.85 -13.76
C ALA A 2 30.56 -32.84 -13.68
N GLU A 3 30.36 -31.82 -12.86
CA GLU A 3 31.36 -30.84 -12.46
C GLU A 3 31.72 -29.85 -13.58
N LYS A 4 30.88 -29.71 -14.60
CA LYS A 4 31.14 -28.81 -15.73
C LYS A 4 30.15 -27.66 -15.74
N GLY A 5 30.43 -26.67 -16.58
CA GLY A 5 29.56 -25.52 -16.71
C GLY A 5 28.17 -25.89 -17.19
N PHE A 6 27.23 -24.99 -16.89
CA PHE A 6 25.80 -25.26 -17.04
C PHE A 6 25.30 -24.81 -18.41
N LYS A 7 24.73 -25.74 -19.17
CA LYS A 7 24.10 -25.42 -20.44
C LYS A 7 22.82 -24.62 -20.21
N GLN A 8 22.32 -24.04 -21.31
CA GLN A 8 21.17 -23.14 -21.28
C GLN A 8 19.91 -23.83 -20.75
N ALA A 9 19.79 -25.16 -20.92
CA ALA A 9 18.60 -25.82 -20.39
C ALA A 9 18.51 -25.70 -18.87
N PHE A 10 19.63 -25.50 -18.18
CA PHE A 10 19.60 -25.31 -16.73
C PHE A 10 19.13 -23.92 -16.34
N TRP A 11 19.72 -22.88 -16.92
CA TRP A 11 19.48 -21.54 -16.38
C TRP A 11 18.35 -20.80 -17.08
N GLN A 12 17.99 -21.18 -18.31
CA GLN A 12 16.88 -20.53 -18.99
C GLN A 12 15.58 -20.53 -18.18
N PRO A 13 15.14 -21.64 -17.59
CA PRO A 13 13.91 -21.57 -16.79
C PRO A 13 14.04 -20.68 -15.57
N LEU A 14 15.27 -20.42 -15.09
CA LEU A 14 15.45 -19.44 -14.02
C LEU A 14 15.33 -18.01 -14.54
N CYS A 15 15.82 -17.75 -15.75
CA CYS A 15 15.53 -16.45 -16.39
C CYS A 15 14.03 -16.23 -16.50
N GLN A 16 13.31 -17.25 -16.96
CA GLN A 16 11.87 -17.13 -17.15
C GLN A 16 11.18 -16.68 -15.86
N VAL A 17 11.56 -17.29 -14.74
CA VAL A 17 10.97 -16.94 -13.45
C VAL A 17 11.42 -15.54 -13.02
N SER A 18 12.71 -15.25 -13.13
CA SER A 18 13.20 -13.91 -12.76
C SER A 18 12.46 -12.82 -13.53
N GLU A 19 12.24 -13.04 -14.84
CA GLU A 19 11.54 -12.06 -15.64
C GLU A 19 10.09 -11.88 -15.18
N GLU A 20 9.44 -12.96 -14.76
CA GLU A 20 8.04 -12.83 -14.35
C GLU A 20 7.91 -12.25 -12.94
N LEU A 21 8.83 -12.60 -12.03
CA LEU A 21 8.80 -11.99 -10.70
C LEU A 21 9.01 -10.49 -10.78
N ASP A 22 9.71 -10.01 -11.81
CA ASP A 22 9.89 -8.57 -12.05
C ASP A 22 8.56 -7.84 -12.15
N ASP A 23 7.50 -8.54 -12.57
CA ASP A 23 6.18 -7.97 -12.76
C ASP A 23 5.38 -7.82 -11.47
N GLN A 24 5.76 -8.53 -10.40
CA GLN A 24 4.90 -8.60 -9.25
C GLN A 24 4.75 -7.24 -8.55
N PRO A 25 5.81 -6.42 -8.43
CA PRO A 25 5.58 -5.07 -7.88
C PRO A 25 4.66 -4.23 -8.74
N LYS A 26 4.73 -4.37 -10.06
CA LYS A 26 3.81 -3.67 -10.94
C LYS A 26 2.36 -4.03 -10.62
N GLY A 27 2.12 -5.30 -10.30
CA GLY A 27 0.78 -5.72 -9.94
C GLY A 27 0.34 -5.19 -8.59
N ALA A 28 1.28 -4.96 -7.67
CA ALA A 28 0.92 -4.41 -6.37
C ALA A 28 0.53 -2.94 -6.50
N LEU A 29 1.27 -2.19 -7.33
CA LEU A 29 0.89 -0.81 -7.58
C LEU A 29 -0.48 -0.75 -8.27
N PHE A 30 -0.69 -1.62 -9.27
CA PHE A 30 -1.97 -1.67 -9.98
C PHE A 30 -3.12 -1.85 -9.01
N THR A 31 -2.99 -2.81 -8.09
CA THR A 31 -4.11 -3.14 -7.22
C THR A 31 -4.30 -2.08 -6.13
N LEU A 32 -3.22 -1.60 -5.53
CA LEU A 32 -3.35 -0.53 -4.53
C LEU A 32 -4.01 0.70 -5.15
N GLN A 33 -3.65 1.02 -6.40
CA GLN A 33 -4.27 2.17 -7.05
C GLN A 33 -5.72 1.88 -7.45
N ALA A 34 -6.01 0.64 -7.89
CA ALA A 34 -7.36 0.31 -8.28
C ALA A 34 -8.31 0.37 -7.09
N ALA A 35 -7.87 -0.13 -5.93
CA ALA A 35 -8.73 -0.10 -4.75
C ALA A 35 -9.06 1.33 -4.39
N ALA A 36 -8.05 2.20 -4.36
CA ALA A 36 -8.26 3.60 -4.03
C ALA A 36 -9.15 4.29 -5.06
N SER A 37 -8.99 3.93 -6.35
CA SER A 37 -9.87 4.48 -7.37
C SER A 37 -11.31 4.08 -7.13
N LYS A 38 -11.52 2.81 -6.80
CA LYS A 38 -12.90 2.33 -6.62
C LYS A 38 -13.53 2.95 -5.38
N ILE A 39 -12.77 3.07 -4.28
CA ILE A 39 -13.26 3.83 -3.13
C ILE A 39 -13.67 5.22 -3.55
N GLN A 40 -12.80 5.89 -4.33
CA GLN A 40 -13.09 7.26 -4.76
C GLN A 40 -14.37 7.32 -5.59
N LYS A 41 -14.60 6.32 -6.45
CA LYS A 41 -15.85 6.29 -7.20
C LYS A 41 -17.04 6.11 -6.28
N MET A 42 -16.91 5.27 -5.25
CA MET A 42 -18.00 5.10 -4.29
C MET A 42 -18.28 6.42 -3.56
N ARG A 43 -17.23 7.09 -3.11
CA ARG A 43 -17.39 8.36 -2.41
C ARG A 43 -18.05 9.41 -3.30
N ASP A 44 -17.66 9.48 -4.59
CA ASP A 44 -18.27 10.47 -5.49
C ASP A 44 -19.78 10.27 -5.58
N ALA A 45 -20.22 9.00 -5.63
CA ALA A 45 -21.64 8.71 -5.71
C ALA A 45 -22.33 9.07 -4.40
N ALA A 46 -21.69 8.75 -3.27
CA ALA A 46 -22.13 9.26 -1.97
C ALA A 46 -22.33 10.77 -2.01
N LEU A 47 -21.36 11.49 -2.58
CA LEU A 47 -21.40 12.95 -2.55
C LEU A 47 -22.45 13.49 -3.51
N ARG A 48 -22.59 12.88 -4.69
CA ARG A 48 -23.64 13.30 -5.62
C ARG A 48 -25.01 13.11 -4.99
N ALA A 49 -25.24 11.93 -4.39
CA ALA A 49 -26.49 11.66 -3.68
C ALA A 49 -26.73 12.67 -2.54
N SER A 50 -25.68 12.99 -1.77
CA SER A 50 -25.84 13.93 -0.67
C SER A 50 -26.19 15.33 -1.19
N ILE A 51 -25.53 15.76 -2.26
CA ILE A 51 -25.83 17.07 -2.81
C ILE A 51 -27.27 17.13 -3.33
N TYR A 52 -27.72 16.06 -4.00
CA TYR A 52 -29.11 15.99 -4.43
C TYR A 52 -30.05 16.12 -3.25
N ALA A 53 -29.72 15.47 -2.13
CA ALA A 53 -30.62 15.53 -0.97
C ALA A 53 -30.70 16.95 -0.42
N GLU A 54 -29.57 17.66 -0.41
CA GLU A 54 -29.54 19.02 0.11
C GLU A 54 -30.37 19.95 -0.78
N ILE A 55 -30.20 19.85 -2.11
CA ILE A 55 -30.93 20.74 -3.01
C ILE A 55 -32.42 20.44 -2.95
N ASN A 56 -32.78 19.17 -2.80
CA ASN A 56 -34.18 18.74 -2.88
C ASN A 56 -34.80 18.47 -1.52
N HIS A 57 -34.26 19.05 -0.45
CA HIS A 57 -34.76 18.93 0.91
C HIS A 57 -36.28 18.82 1.00
N GLY A 58 -36.77 17.71 1.54
CA GLY A 58 -38.19 17.53 1.84
C GLY A 58 -38.91 16.59 0.91
N THR A 59 -38.43 16.45 -0.33
CA THR A 59 -39.12 15.58 -1.28
C THR A 59 -38.85 14.11 -0.98
N ASN A 60 -39.77 13.25 -1.45
CA ASN A 60 -39.58 11.82 -1.26
C ASN A 60 -38.35 11.30 -2.01
N ARG A 61 -38.00 11.92 -3.14
CA ARG A 61 -36.77 11.54 -3.84
C ARG A 61 -35.54 11.95 -3.06
N ALA A 62 -35.59 13.09 -2.35
CA ALA A 62 -34.48 13.50 -1.51
C ALA A 62 -34.20 12.48 -0.42
N LYS A 63 -35.27 11.93 0.18
CA LYS A 63 -35.07 10.87 1.18
C LYS A 63 -34.52 9.61 0.54
N ALA A 64 -34.95 9.28 -0.69
CA ALA A 64 -34.31 8.19 -1.41
C ALA A 64 -32.82 8.48 -1.62
N ALA A 65 -32.47 9.74 -1.88
CA ALA A 65 -31.06 10.09 -2.08
C ALA A 65 -30.26 9.93 -0.79
N VAL A 66 -30.88 10.23 0.35
CA VAL A 66 -30.22 9.99 1.63
C VAL A 66 -29.91 8.50 1.79
N ILE A 67 -30.89 7.63 1.48
CA ILE A 67 -30.63 6.20 1.51
C ILE A 67 -29.50 5.83 0.56
N VAL A 68 -29.49 6.42 -0.64
CA VAL A 68 -28.46 6.11 -1.62
C VAL A 68 -27.10 6.58 -1.13
N ALA A 69 -27.05 7.78 -0.53
CA ALA A 69 -25.80 8.35 -0.04
C ALA A 69 -25.22 7.51 1.09
N ASN A 70 -26.07 7.08 2.03
CA ASN A 70 -25.62 6.19 3.10
C ASN A 70 -25.03 4.91 2.54
N HIS A 71 -25.68 4.33 1.53
CA HIS A 71 -25.18 3.11 0.88
C HIS A 71 -23.74 3.28 0.39
N TYR A 72 -23.51 4.29 -0.45
CA TYR A 72 -22.21 4.45 -1.09
C TYR A 72 -21.15 4.91 -0.08
N ALA A 73 -21.54 5.76 0.88
CA ALA A 73 -20.58 6.15 1.92
C ALA A 73 -20.10 4.94 2.70
N MET A 74 -21.02 4.02 3.05
CA MET A 74 -20.62 2.79 3.72
C MET A 74 -19.71 1.95 2.82
N LYS A 75 -20.02 1.89 1.53
CA LYS A 75 -19.15 1.14 0.62
C LYS A 75 -17.76 1.78 0.56
N ALA A 76 -17.69 3.10 0.47
CA ALA A 76 -16.41 3.80 0.52
C ALA A 76 -15.67 3.51 1.84
N ASP A 77 -16.40 3.55 2.97
CA ASP A 77 -15.76 3.29 4.25
C ASP A 77 -15.15 1.89 4.28
N SER A 78 -15.93 0.89 3.87
CA SER A 78 -15.47 -0.50 3.92
C SER A 78 -14.29 -0.73 2.99
N GLY A 79 -14.30 -0.07 1.82
CA GLY A 79 -13.16 -0.21 0.92
C GLY A 79 -11.86 0.30 1.53
N LEU A 80 -11.91 1.50 2.14
CA LEU A 80 -10.71 2.01 2.80
C LEU A 80 -10.26 1.08 3.91
N GLU A 81 -11.21 0.49 4.64
CA GLU A 81 -10.83 -0.49 5.65
C GLU A 81 -10.17 -1.72 5.03
N ALA A 82 -10.67 -2.18 3.88
CA ALA A 82 -10.10 -3.38 3.27
C ALA A 82 -8.71 -3.09 2.72
N LEU A 83 -8.56 -1.96 2.01
CA LEU A 83 -7.25 -1.47 1.63
C LEU A 83 -6.28 -1.50 2.81
N LYS A 84 -6.69 -0.93 3.94
CA LYS A 84 -5.81 -0.84 5.11
C LYS A 84 -5.48 -2.21 5.69
N GLN A 85 -6.49 -3.02 5.97
CA GLN A 85 -6.32 -4.25 6.74
C GLN A 85 -5.87 -5.43 5.89
N THR A 86 -6.25 -5.47 4.62
CA THR A 86 -6.06 -6.70 3.87
C THR A 86 -5.27 -6.52 2.58
N LEU A 87 -5.67 -5.59 1.72
CA LEU A 87 -5.01 -5.47 0.42
C LEU A 87 -3.58 -4.98 0.57
N SER A 88 -3.33 -4.06 1.52
N SER A 88 -3.33 -4.06 1.52
CA SER A 88 -1.97 -3.54 1.70
CA SER A 88 -1.98 -3.55 1.69
C SER A 88 -1.02 -4.65 2.13
C SER A 88 -1.03 -4.67 2.11
N SER A 89 -1.45 -5.49 3.07
CA SER A 89 -0.58 -6.58 3.51
C SER A 89 -0.35 -7.58 2.37
N GLN A 90 -1.42 -7.93 1.65
CA GLN A 90 -1.32 -8.84 0.52
C GLN A 90 -0.31 -8.33 -0.51
N GLU A 91 -0.40 -7.05 -0.87
CA GLU A 91 0.40 -6.57 -1.98
C GLU A 91 1.81 -6.20 -1.55
N VAL A 92 2.00 -5.82 -0.29
CA VAL A 92 3.37 -5.63 0.18
C VAL A 92 4.08 -6.97 0.28
N THR A 93 3.38 -7.99 0.79
CA THR A 93 3.97 -9.32 0.95
C THR A 93 4.29 -9.96 -0.40
N ALA A 94 3.41 -9.79 -1.39
CA ALA A 94 3.72 -10.33 -2.72
C ALA A 94 4.86 -9.55 -3.36
N THR A 95 4.86 -8.22 -3.22
CA THR A 95 5.97 -7.44 -3.75
C THR A 95 7.29 -7.90 -3.16
N ALA A 96 7.34 -8.04 -1.84
CA ALA A 96 8.58 -8.35 -1.15
C ALA A 96 9.03 -9.77 -1.44
N THR A 97 8.11 -10.75 -1.34
CA THR A 97 8.53 -12.13 -1.53
C THR A 97 9.01 -12.36 -2.96
N ALA A 98 8.31 -11.81 -3.94
CA ALA A 98 8.74 -11.98 -5.32
C ALA A 98 10.07 -11.29 -5.56
N SER A 99 10.21 -10.03 -5.12
CA SER A 99 11.45 -9.28 -5.34
C SER A 99 12.64 -9.93 -4.63
N TYR A 100 12.43 -10.44 -3.41
CA TYR A 100 13.49 -11.11 -2.71
C TYR A 100 13.95 -12.34 -3.49
N LEU A 101 13.01 -13.25 -3.78
CA LEU A 101 13.33 -14.41 -4.59
C LEU A 101 14.02 -14.01 -5.88
N LYS A 102 13.54 -12.94 -6.52
CA LYS A 102 14.16 -12.52 -7.77
C LYS A 102 15.61 -12.08 -7.56
N GLY A 103 15.88 -11.39 -6.44
CA GLY A 103 17.27 -11.06 -6.12
C GLY A 103 18.11 -12.31 -5.90
N ARG A 104 17.59 -13.30 -5.17
CA ARG A 104 18.35 -14.52 -4.94
C ARG A 104 18.73 -15.19 -6.27
N ILE A 105 17.77 -15.25 -7.20
CA ILE A 105 18.00 -15.88 -8.50
C ILE A 105 19.00 -15.05 -9.31
N ASP A 106 18.81 -13.73 -9.34
CA ASP A 106 19.60 -12.90 -10.23
C ASP A 106 21.06 -12.83 -9.79
N GLU A 107 21.32 -12.88 -8.48
CA GLU A 107 22.69 -12.95 -8.01
C GLU A 107 23.36 -14.24 -8.49
N TYR A 108 22.66 -15.37 -8.33
CA TYR A 108 23.22 -16.65 -8.79
C TYR A 108 23.44 -16.63 -10.30
N LEU A 109 22.43 -16.23 -11.07
CA LEU A 109 22.61 -16.14 -12.52
C LEU A 109 23.73 -15.17 -12.88
N ASN A 110 23.81 -14.02 -12.20
CA ASN A 110 24.87 -13.07 -12.51
C ASN A 110 26.23 -13.64 -12.16
N LEU A 111 26.32 -14.48 -11.13
CA LEU A 111 27.57 -15.11 -10.78
C LEU A 111 28.01 -16.10 -11.86
N LEU A 112 27.09 -16.95 -12.33
CA LEU A 112 27.44 -17.87 -13.41
C LEU A 112 27.89 -17.12 -14.65
N LEU A 113 27.17 -16.06 -15.00
CA LEU A 113 27.47 -15.27 -16.18
C LEU A 113 28.90 -14.76 -16.18
N GLN A 114 29.41 -14.34 -15.01
CA GLN A 114 30.74 -13.75 -14.92
C GLN A 114 31.86 -14.77 -14.76
N THR A 115 31.57 -15.95 -14.24
CA THR A 115 32.60 -16.92 -13.87
C THR A 115 32.94 -17.71 -15.12
N LYS A 116 33.86 -17.18 -15.92
CA LYS A 116 34.29 -17.86 -17.13
C LYS A 116 35.77 -17.60 -17.34
N GLU A 117 36.40 -18.50 -18.06
CA GLU A 117 37.79 -18.35 -18.42
C GLU A 117 38.00 -17.95 -19.86
N SER A 118 37.04 -18.23 -20.74
CA SER A 118 37.17 -17.96 -22.17
C SER A 118 35.78 -17.95 -22.78
N GLY A 119 35.72 -17.61 -24.06
CA GLY A 119 34.49 -17.74 -24.82
C GLY A 119 34.00 -19.16 -25.04
N THR A 120 34.73 -20.18 -24.59
CA THR A 120 34.30 -21.57 -24.74
C THR A 120 34.27 -22.34 -23.43
N SER A 121 34.73 -21.76 -22.33
CA SER A 121 34.84 -22.48 -21.06
C SER A 121 34.38 -21.56 -19.95
N GLY A 122 33.28 -21.92 -19.30
CA GLY A 122 32.77 -21.10 -18.23
C GLY A 122 31.54 -21.73 -17.61
N CYS A 123 30.95 -21.00 -16.67
CA CYS A 123 29.86 -21.55 -15.88
C CYS A 123 28.50 -21.42 -16.56
N MET A 124 28.36 -20.52 -17.54
CA MET A 124 27.07 -20.25 -18.17
C MET A 124 27.26 -20.45 -19.67
N MET A 125 26.84 -21.63 -20.17
CA MET A 125 27.00 -22.04 -21.56
C MET A 125 25.67 -21.92 -22.30
N ASP A 126 25.77 -21.89 -23.63
CA ASP A 126 24.62 -21.77 -24.52
C ASP A 126 23.89 -23.11 -24.58
N THR A 127 22.99 -23.25 -25.55
CA THR A 127 22.15 -24.44 -25.61
C THR A 127 22.98 -25.69 -25.92
N SER A 128 23.94 -25.60 -26.83
CA SER A 128 24.72 -26.76 -27.24
C SER A 128 26.01 -26.93 -26.45
N GLY A 129 26.36 -25.98 -25.59
CA GLY A 129 27.61 -26.04 -24.86
C GLY A 129 28.84 -25.63 -25.63
N THR A 130 28.70 -24.90 -26.74
CA THR A 130 29.88 -24.54 -27.51
C THR A 130 30.56 -23.29 -26.96
N ASN A 131 29.77 -22.29 -26.57
CA ASN A 131 30.28 -20.99 -26.15
C ASN A 131 29.63 -20.52 -24.86
N THR A 132 30.43 -19.86 -24.02
CA THR A 132 29.87 -19.13 -22.90
C THR A 132 28.99 -17.99 -23.44
N VAL A 133 27.93 -17.68 -22.69
CA VAL A 133 26.97 -16.69 -23.17
C VAL A 133 27.41 -15.31 -22.70
N THR A 134 26.81 -14.28 -23.28
CA THR A 134 27.04 -12.90 -22.90
C THR A 134 25.71 -12.19 -22.79
N LYS A 135 25.65 -11.24 -21.88
CA LYS A 135 24.48 -10.39 -21.69
C LYS A 135 24.54 -9.25 -22.69
N ALA A 136 23.54 -9.16 -23.56
CA ALA A 136 23.45 -8.12 -24.58
C ALA A 136 22.06 -7.51 -24.48
N GLY A 137 22.00 -6.26 -24.03
CA GLY A 137 20.70 -5.68 -23.73
C GLY A 137 20.05 -6.45 -22.61
N GLY A 138 18.79 -6.80 -22.79
CA GLY A 138 18.07 -7.49 -21.74
C GLY A 138 17.99 -8.98 -21.95
N THR A 139 18.91 -9.53 -22.76
CA THR A 139 18.87 -10.94 -23.09
C THR A 139 20.22 -11.60 -22.85
N ILE A 140 20.16 -12.87 -22.47
CA ILE A 140 21.32 -13.73 -22.33
C ILE A 140 21.04 -14.97 -23.16
N GLY A 141 21.82 -15.16 -24.23
CA GLY A 141 21.63 -16.30 -25.10
C GLY A 141 20.37 -16.26 -25.95
N GLY A 142 19.86 -15.05 -26.24
CA GLY A 142 18.61 -14.87 -26.93
C GLY A 142 17.39 -14.84 -26.03
N VAL A 143 17.58 -15.09 -24.74
CA VAL A 143 16.50 -15.29 -23.80
C VAL A 143 16.36 -14.01 -22.96
N PRO A 144 15.15 -13.43 -22.84
CA PRO A 144 14.97 -12.33 -21.88
C PRO A 144 15.49 -12.73 -20.51
N CYS A 145 16.40 -11.92 -19.99
CA CYS A 145 17.08 -12.24 -18.75
C CYS A 145 17.83 -10.98 -18.34
N LYS A 146 17.05 -9.99 -17.88
CA LYS A 146 17.59 -8.68 -17.58
C LYS A 146 18.46 -8.68 -16.34
N LEU A 147 18.16 -9.56 -15.38
CA LEU A 147 18.88 -9.61 -14.10
C LEU A 147 18.87 -8.25 -13.42
N GLN A 148 17.75 -7.54 -13.54
CA GLN A 148 17.54 -6.25 -12.91
C GLN A 148 16.09 -6.18 -12.44
N LEU A 149 15.86 -5.43 -11.36
CA LEU A 149 14.50 -5.02 -11.01
C LEU A 149 14.19 -3.80 -11.87
N SER A 150 13.24 -3.92 -12.78
CA SER A 150 12.96 -2.85 -13.71
C SER A 150 12.02 -1.80 -13.09
N PRO A 151 11.99 -0.58 -13.63
CA PRO A 151 11.11 0.45 -13.09
C PRO A 151 9.66 -0.01 -13.01
N ILE A 152 8.98 0.44 -11.96
CA ILE A 152 7.65 -0.05 -11.61
C ILE A 152 6.61 0.94 -12.15
N GLN A 153 5.76 0.46 -13.05
CA GLN A 153 4.52 1.11 -13.45
C GLN A 153 3.42 0.06 -13.39
N PRO A 154 2.18 0.44 -13.16
CA PRO A 154 1.15 -0.56 -12.86
C PRO A 154 0.83 -1.42 -14.08
N LYS A 155 0.71 -2.72 -13.84
CA LYS A 155 0.47 -3.73 -14.86
C LYS A 155 0.03 -4.99 -14.14
N ARG A 156 -0.94 -5.71 -14.72
CA ARG A 156 -1.27 -7.02 -14.20
C ARG A 156 -0.10 -7.96 -14.50
N PRO A 157 0.44 -8.65 -13.51
CA PRO A 157 1.58 -9.55 -13.77
C PRO A 157 1.14 -10.82 -14.48
N ALA A 158 2.01 -11.30 -15.37
CA ALA A 158 1.86 -12.64 -15.92
C ALA A 158 1.90 -13.68 -14.80
N ALA A 159 1.14 -14.75 -14.99
CA ALA A 159 1.12 -15.90 -14.09
C ALA A 159 1.28 -17.16 -14.94
N THR A 160 2.43 -17.24 -15.59
CA THR A 160 2.77 -18.26 -16.56
C THR A 160 3.87 -19.17 -16.05
N TYR A 161 4.96 -18.59 -15.57
CA TYR A 161 6.04 -19.38 -15.01
C TYR A 161 5.95 -19.52 -13.51
N LEU A 162 5.12 -18.70 -12.84
CA LEU A 162 4.76 -18.92 -11.44
C LEU A 162 3.24 -18.78 -11.36
N GLY A 163 2.55 -19.89 -11.20
CA GLY A 163 1.10 -19.86 -11.20
C GLY A 163 0.54 -20.49 -9.94
N LYS A 164 -0.74 -20.87 -9.97
CA LYS A 164 -1.37 -21.40 -8.76
C LYS A 164 -0.71 -22.68 -8.28
N ALA A 165 -0.18 -23.49 -9.20
CA ALA A 165 0.41 -24.78 -8.83
C ALA A 165 1.86 -24.67 -8.41
N GLY A 166 2.56 -23.65 -8.91
CA GLY A 166 3.97 -23.46 -8.61
C GLY A 166 4.72 -22.92 -9.80
N TYR A 167 5.98 -23.35 -9.96
CA TYR A 167 6.90 -22.85 -10.98
C TYR A 167 6.94 -23.87 -12.11
N VAL A 168 6.12 -23.64 -13.15
CA VAL A 168 5.82 -24.67 -14.15
C VAL A 168 7.09 -25.23 -14.78
N GLY A 169 8.09 -24.37 -14.99
CA GLY A 169 9.29 -24.77 -15.71
C GLY A 169 10.35 -25.44 -14.87
N LEU A 170 10.19 -25.44 -13.55
CA LEU A 170 11.19 -26.04 -12.66
C LEU A 170 10.72 -27.44 -12.26
N THR A 171 10.76 -28.32 -13.25
CA THR A 171 10.29 -29.69 -13.17
C THR A 171 11.37 -30.61 -12.61
N ARG A 172 10.94 -31.79 -12.17
CA ARG A 172 11.86 -32.89 -11.93
C ARG A 172 12.75 -33.06 -13.16
N GLN A 173 14.05 -33.16 -12.93
CA GLN A 173 15.02 -33.28 -14.01
C GLN A 173 15.45 -34.73 -14.17
N ALA A 174 15.30 -35.24 -15.40
CA ALA A 174 15.56 -36.66 -15.67
C ALA A 174 17.05 -36.97 -15.86
N ASP A 175 17.85 -36.00 -16.28
CA ASP A 175 19.25 -36.28 -16.57
C ASP A 175 20.12 -35.03 -16.45
N ALA A 176 20.38 -34.58 -15.22
CA ALA A 176 21.14 -33.36 -15.03
C ALA A 176 22.52 -33.47 -15.65
N ALA A 177 23.18 -34.64 -15.47
CA ALA A 177 24.55 -34.82 -15.97
C ALA A 177 24.68 -34.45 -17.44
N ASN A 178 23.63 -34.63 -18.24
CA ASN A 178 23.69 -34.32 -19.65
C ASN A 178 22.78 -33.19 -20.09
N ASN A 179 21.67 -32.93 -19.40
CA ASN A 179 20.83 -31.81 -19.78
C ASN A 179 21.29 -30.50 -19.16
N PHE A 180 21.81 -30.54 -17.94
CA PHE A 180 22.21 -29.31 -17.24
C PHE A 180 23.69 -28.98 -17.39
N HIS A 181 24.56 -30.00 -17.45
CA HIS A 181 26.00 -29.80 -17.51
C HIS A 181 26.52 -30.01 -18.93
N ASP A 182 27.48 -29.18 -19.31
CA ASP A 182 28.24 -29.42 -20.51
C ASP A 182 29.18 -30.62 -20.29
N ASN A 183 29.89 -31.02 -21.33
CA ASN A 183 30.84 -32.10 -21.14
C ASN A 183 32.28 -31.63 -20.96
N ASP A 184 32.61 -30.39 -21.33
CA ASP A 184 34.00 -29.91 -21.30
C ASP A 184 34.20 -28.53 -20.66
N ALA A 185 33.16 -27.69 -20.58
CA ALA A 185 33.31 -26.35 -20.02
C ALA A 185 33.66 -26.44 -18.53
N GLU A 186 34.66 -25.68 -18.11
CA GLU A 186 35.10 -25.73 -16.72
C GLU A 186 34.34 -24.70 -15.89
N CYS A 187 34.03 -25.08 -14.64
CA CYS A 187 33.21 -24.24 -13.78
C CYS A 187 33.34 -24.74 -12.35
N ARG A 188 34.01 -23.98 -11.50
CA ARG A 188 34.22 -24.44 -10.14
C ARG A 188 32.95 -24.33 -9.30
N LEU A 189 31.98 -23.55 -9.75
CA LEU A 189 30.67 -23.46 -9.13
C LEU A 189 29.81 -24.70 -9.36
N ALA A 190 30.28 -25.67 -10.15
CA ALA A 190 29.46 -26.83 -10.47
C ALA A 190 29.61 -27.98 -9.48
N SER A 191 30.63 -27.95 -8.63
CA SER A 191 30.76 -28.97 -7.59
C SER A 191 31.51 -28.38 -6.40
N GLY A 192 31.41 -29.07 -5.28
CA GLY A 192 32.17 -28.76 -4.08
C GLY A 192 33.39 -29.64 -3.85
N HIS A 193 33.73 -30.50 -4.81
CA HIS A 193 34.96 -31.27 -4.74
C HIS A 193 36.14 -30.37 -5.09
N ASN A 194 37.33 -30.78 -4.65
CA ASN A 194 38.47 -29.86 -4.74
C ASN A 194 39.15 -29.88 -6.11
N THR A 195 39.09 -31.00 -6.84
CA THR A 195 39.80 -31.08 -8.11
C THR A 195 39.21 -30.14 -9.14
N ASN A 196 37.88 -30.16 -9.30
CA ASN A 196 37.18 -29.39 -10.31
C ASN A 196 36.19 -28.38 -9.74
N GLY A 197 36.01 -28.34 -8.42
CA GLY A 197 34.97 -27.50 -7.87
C GLY A 197 35.46 -26.50 -6.85
N LEU A 198 34.61 -26.18 -5.86
CA LEU A 198 34.87 -25.06 -4.96
C LEU A 198 35.90 -25.37 -3.88
N GLY A 199 36.21 -26.64 -3.66
CA GLY A 199 37.15 -26.98 -2.61
C GLY A 199 38.56 -26.57 -2.96
N LYS A 200 39.33 -26.19 -1.95
CA LYS A 200 40.74 -25.88 -2.15
C LYS A 200 41.62 -27.06 -1.77
N SER A 201 41.84 -27.28 -0.47
CA SER A 201 42.71 -28.39 -0.07
C SER A 201 41.99 -29.72 -0.10
N GLY A 202 40.66 -29.71 0.05
CA GLY A 202 39.83 -30.90 -0.01
C GLY A 202 38.41 -30.45 -0.29
N GLN A 203 37.51 -31.43 -0.41
CA GLN A 203 36.12 -31.12 -0.71
C GLN A 203 35.51 -30.25 0.38
N LEU A 204 34.45 -29.54 0.03
CA LEU A 204 33.69 -28.81 1.03
C LEU A 204 33.05 -29.80 1.99
N SER A 205 32.79 -29.35 3.21
CA SER A 205 32.36 -30.28 4.23
C SER A 205 30.91 -30.71 4.08
N ALA A 206 30.16 -30.12 3.16
CA ALA A 206 28.78 -30.53 2.89
C ALA A 206 28.37 -30.06 1.51
N ALA A 207 27.22 -30.56 1.06
CA ALA A 207 26.64 -30.03 -0.17
C ALA A 207 26.28 -28.57 0.05
N VAL A 208 26.26 -27.80 -1.04
CA VAL A 208 25.92 -26.38 -1.01
C VAL A 208 24.67 -26.14 -1.87
N THR A 209 23.68 -25.48 -1.30
CA THR A 209 22.50 -25.11 -2.09
C THR A 209 22.64 -23.67 -2.55
N MET A 210 22.24 -23.41 -3.80
CA MET A 210 22.30 -22.09 -4.38
C MET A 210 20.96 -21.73 -5.01
N ALA A 211 20.82 -20.44 -5.31
CA ALA A 211 19.58 -19.85 -5.83
C ALA A 211 18.42 -20.16 -4.89
N ALA A 212 18.61 -19.76 -3.63
CA ALA A 212 17.60 -19.92 -2.59
C ALA A 212 17.12 -21.37 -2.49
N GLY A 213 18.06 -22.31 -2.56
CA GLY A 213 17.74 -23.70 -2.32
C GLY A 213 17.26 -24.48 -3.54
N TYR A 214 17.35 -23.91 -4.73
CA TYR A 214 16.87 -24.60 -5.92
C TYR A 214 17.84 -25.70 -6.36
N VAL A 215 19.12 -25.38 -6.45
CA VAL A 215 20.13 -26.31 -6.95
C VAL A 215 21.01 -26.75 -5.79
N THR A 216 21.26 -28.05 -5.69
CA THR A 216 22.14 -28.60 -4.67
C THR A 216 23.42 -29.05 -5.34
N VAL A 217 24.55 -28.51 -4.86
CA VAL A 217 25.88 -28.79 -5.39
C VAL A 217 26.55 -29.77 -4.44
N ALA A 218 26.70 -31.03 -4.86
CA ALA A 218 27.31 -32.03 -4.01
C ALA A 218 28.79 -31.73 -3.78
N ASN A 219 29.30 -32.18 -2.63
CA ASN A 219 30.74 -32.10 -2.35
C ASN A 219 31.50 -33.30 -2.90
N SER A 220 30.88 -34.07 -3.78
CA SER A 220 31.45 -35.21 -4.47
C SER A 220 31.53 -34.92 -5.96
N GLN A 221 32.14 -35.82 -6.72
CA GLN A 221 32.24 -35.61 -8.17
C GLN A 221 30.96 -36.13 -8.85
N THR A 222 29.85 -35.43 -8.59
CA THR A 222 28.56 -35.83 -9.15
C THR A 222 27.81 -34.61 -9.67
N ALA A 223 26.84 -34.88 -10.54
CA ALA A 223 26.04 -33.85 -11.17
C ALA A 223 25.19 -33.12 -10.12
N VAL A 224 24.80 -31.90 -10.44
CA VAL A 224 23.90 -31.18 -9.53
C VAL A 224 22.53 -31.83 -9.52
N THR A 225 21.77 -31.55 -8.47
CA THR A 225 20.36 -31.93 -8.42
C THR A 225 19.54 -30.67 -8.18
N VAL A 226 18.29 -30.67 -8.68
CA VAL A 226 17.41 -29.51 -8.52
C VAL A 226 16.10 -29.93 -7.87
N GLN A 227 15.53 -29.00 -7.09
CA GLN A 227 14.17 -29.18 -6.59
C GLN A 227 13.15 -29.18 -7.72
N ALA A 228 12.15 -30.05 -7.62
CA ALA A 228 10.96 -29.92 -8.46
C ALA A 228 10.01 -28.95 -7.78
N LEU A 229 9.73 -27.80 -8.42
CA LEU A 229 8.92 -26.76 -7.79
C LEU A 229 7.59 -26.50 -8.51
N ASP A 230 7.12 -27.45 -9.33
CA ASP A 230 5.94 -27.23 -10.15
C ASP A 230 4.66 -27.72 -9.51
N ALA A 231 4.73 -28.31 -8.31
CA ALA A 231 3.58 -28.83 -7.60
C ALA A 231 3.77 -28.55 -6.11
N LEU A 232 3.91 -27.28 -5.77
CA LEU A 232 4.26 -26.90 -4.40
C LEU A 232 3.11 -27.20 -3.45
N GLN A 233 3.46 -27.50 -2.21
CA GLN A 233 2.52 -27.55 -1.11
C GLN A 233 3.02 -26.63 -0.01
N GLU A 234 2.12 -26.14 0.82
CA GLU A 234 2.54 -25.21 1.85
C GLU A 234 3.46 -25.92 2.85
N ALA A 235 4.56 -25.26 3.19
CA ALA A 235 5.56 -25.83 4.08
C ALA A 235 6.38 -24.71 4.69
N SER A 236 7.06 -25.02 5.78
CA SER A 236 7.92 -24.07 6.47
C SER A 236 9.29 -24.71 6.71
N GLY A 237 10.29 -23.85 6.91
CA GLY A 237 11.62 -24.35 7.23
C GLY A 237 12.30 -25.13 6.13
N ALA A 238 11.84 -24.99 4.89
CA ALA A 238 12.46 -25.68 3.78
C ALA A 238 13.71 -24.93 3.32
N ALA A 239 14.66 -25.66 2.74
CA ALA A 239 15.85 -25.01 2.20
C ALA A 239 15.48 -24.07 1.05
N HIS A 240 14.39 -24.38 0.34
CA HIS A 240 13.92 -23.54 -0.77
C HIS A 240 12.75 -22.65 -0.34
N GLN A 241 12.65 -22.33 0.94
CA GLN A 241 11.50 -21.58 1.44
C GLN A 241 11.19 -20.29 0.67
N PRO A 242 12.17 -19.51 0.22
CA PRO A 242 11.79 -18.30 -0.55
C PRO A 242 10.95 -18.61 -1.78
N TRP A 243 11.14 -19.79 -2.41
CA TRP A 243 10.27 -20.15 -3.53
C TRP A 243 8.83 -20.38 -3.08
N ILE A 244 8.66 -21.10 -1.97
CA ILE A 244 7.34 -21.33 -1.41
C ILE A 244 6.69 -20.01 -1.04
N ASP A 245 7.44 -19.10 -0.42
CA ASP A 245 6.86 -17.87 0.09
C ASP A 245 6.37 -16.97 -1.03
N ALA A 246 7.15 -16.87 -2.11
CA ALA A 246 6.71 -16.07 -3.26
C ALA A 246 5.50 -16.70 -3.92
N TRP A 247 5.47 -18.03 -3.99
CA TRP A 247 4.33 -18.73 -4.57
C TRP A 247 3.07 -18.50 -3.74
N LYS A 248 3.17 -18.68 -2.42
CA LYS A 248 2.02 -18.49 -1.53
C LYS A 248 1.47 -17.07 -1.64
N ALA A 249 2.36 -16.08 -1.68
CA ALA A 249 1.91 -14.68 -1.65
C ALA A 249 1.24 -14.29 -2.95
N LYS A 250 1.69 -14.82 -4.08
CA LYS A 250 1.07 -14.49 -5.36
C LYS A 250 -0.31 -15.11 -5.46
N LYS A 251 -0.40 -16.40 -5.10
CA LYS A 251 -1.65 -17.15 -5.07
C LYS A 251 -2.70 -16.49 -4.18
N ALA A 252 -2.27 -15.77 -3.15
CA ALA A 252 -3.21 -15.26 -2.16
C ALA A 252 -3.87 -13.95 -2.56
N LEU A 253 -3.41 -13.31 -3.64
CA LEU A 253 -3.93 -11.98 -3.98
C LEU A 253 -5.36 -12.08 -4.47
N THR A 254 -6.25 -11.29 -3.86
CA THR A 254 -7.61 -11.14 -4.36
C THR A 254 -7.74 -10.04 -5.41
N GLY A 255 -6.84 -9.06 -5.39
CA GLY A 255 -7.06 -7.84 -6.14
C GLY A 255 -8.13 -7.00 -5.47
N ALA A 256 -8.40 -5.83 -6.07
CA ALA A 256 -9.47 -4.95 -5.61
C ALA A 256 -10.82 -5.43 -6.16
N GLU A 257 -11.20 -6.65 -5.76
CA GLU A 257 -12.27 -7.38 -6.40
C GLU A 257 -13.29 -7.96 -5.41
N THR A 258 -13.15 -7.69 -4.12
CA THR A 258 -14.07 -8.19 -3.13
C THR A 258 -15.28 -7.26 -3.03
N ALA A 259 -16.25 -7.64 -2.21
CA ALA A 259 -17.57 -6.99 -2.26
C ALA A 259 -17.48 -5.49 -1.97
N GLU A 260 -16.48 -5.06 -1.19
CA GLU A 260 -16.31 -3.63 -0.90
C GLU A 260 -16.14 -2.80 -2.16
N PHE A 261 -15.52 -3.37 -3.19
CA PHE A 261 -15.16 -2.61 -4.38
C PHE A 261 -16.12 -2.83 -5.55
N ARG A 262 -17.12 -3.68 -5.37
CA ARG A 262 -18.09 -3.96 -6.47
C ARG A 262 -19.45 -3.33 -6.12
N ASN A 263 -20.23 -2.97 -7.11
CA ASN A 263 -21.58 -2.39 -6.89
C ASN A 263 -22.60 -3.53 -6.72
N GLU A 264 -23.66 -3.33 -5.95
CA GLU A 264 -24.71 -4.36 -5.73
C GLU A 264 -25.75 -4.29 -6.85
N THR A 265 -26.46 -5.39 -7.11
CA THR A 265 -27.42 -5.46 -8.20
C THR A 265 -28.78 -6.04 -7.83
N ALA A 266 -29.03 -6.34 -6.57
CA ALA A 266 -30.28 -7.03 -6.23
C ALA A 266 -31.28 -6.00 -5.70
N GLY A 267 -32.30 -6.48 -4.96
CA GLY A 267 -33.35 -5.59 -4.50
C GLY A 267 -32.86 -4.56 -3.52
N ILE A 268 -33.65 -3.50 -3.38
CA ILE A 268 -33.21 -2.34 -2.60
C ILE A 268 -33.10 -2.71 -1.12
N ALA A 269 -34.01 -3.55 -0.62
CA ALA A 269 -34.02 -3.80 0.82
C ALA A 269 -32.77 -4.53 1.28
N GLY A 270 -32.21 -5.37 0.40
CA GLY A 270 -30.99 -6.10 0.74
C GLY A 270 -29.70 -5.32 0.51
N LYS A 271 -29.77 -4.12 -0.04
CA LYS A 271 -28.57 -3.34 -0.32
C LYS A 271 -27.96 -2.80 0.97
N THR A 272 -26.63 -2.61 0.94
CA THR A 272 -25.89 -2.21 2.13
C THR A 272 -26.51 -0.98 2.77
N GLY A 273 -26.80 -1.10 4.07
CA GLY A 273 -27.27 0.01 4.88
C GLY A 273 -28.75 0.29 4.82
N VAL A 274 -29.48 -0.24 3.83
CA VAL A 274 -30.82 0.26 3.53
C VAL A 274 -31.80 -0.08 4.65
N THR A 275 -31.95 -1.37 4.96
CA THR A 275 -33.04 -1.76 5.87
C THR A 275 -32.86 -1.17 7.26
N LYS A 276 -31.62 -1.19 7.78
CA LYS A 276 -31.40 -0.59 9.10
C LYS A 276 -31.83 0.88 9.13
N LEU A 277 -31.48 1.64 8.10
CA LEU A 277 -31.83 3.06 8.06
C LEU A 277 -33.35 3.25 7.92
N VAL A 278 -33.98 2.46 7.06
CA VAL A 278 -35.43 2.51 6.92
C VAL A 278 -36.10 2.17 8.24
N GLU A 279 -35.68 1.06 8.86
CA GLU A 279 -36.25 0.68 10.15
C GLU A 279 -36.04 1.75 11.20
N GLU A 280 -34.80 2.26 11.31
CA GLU A 280 -34.49 3.19 12.40
C GLU A 280 -35.14 4.55 12.19
N ALA A 281 -35.13 5.04 10.95
CA ALA A 281 -35.49 6.43 10.67
C ALA A 281 -36.92 6.62 10.16
N LEU A 282 -37.48 5.63 9.46
CA LEU A 282 -38.79 5.81 8.85
C LEU A 282 -39.86 4.94 9.50
N LEU A 283 -39.59 3.65 9.69
CA LEU A 283 -40.58 2.78 10.31
C LEU A 283 -40.60 2.91 11.82
N LYS A 284 -39.48 3.32 12.42
CA LYS A 284 -39.35 3.39 13.88
C LYS A 284 -39.71 2.05 14.51
N LYS A 285 -39.17 0.98 13.95
CA LYS A 285 -39.40 -0.38 14.46
C LYS A 285 -38.29 -1.27 13.94
N LYS A 286 -37.51 -1.85 14.87
CA LYS A 286 -36.44 -2.76 14.49
C LYS A 286 -37.01 -4.15 14.15
N ASP A 287 -36.25 -4.89 13.35
CA ASP A 287 -36.61 -6.26 12.96
C ASP A 287 -37.97 -6.30 12.27
N SER A 288 -38.24 -5.33 11.40
CA SER A 288 -39.52 -5.28 10.71
C SER A 288 -39.58 -6.36 9.61
N GLU A 289 -40.80 -6.61 9.13
CA GLU A 289 -41.04 -7.63 8.12
C GLU A 289 -40.73 -7.11 6.73
N ALA A 290 -40.34 -8.05 5.85
CA ALA A 290 -40.06 -7.72 4.46
C ALA A 290 -41.15 -6.83 3.86
N SER A 291 -42.40 -7.27 3.98
CA SER A 291 -43.52 -6.52 3.43
C SER A 291 -43.50 -5.07 3.90
N GLU A 292 -43.28 -4.84 5.20
CA GLU A 292 -43.27 -3.48 5.71
C GLU A 292 -42.14 -2.66 5.08
N ILE A 293 -40.92 -3.20 5.09
CA ILE A 293 -39.77 -2.52 4.52
C ILE A 293 -40.04 -2.13 3.09
N GLN A 294 -40.57 -3.08 2.30
CA GLN A 294 -40.76 -2.84 0.87
C GLN A 294 -41.88 -1.86 0.62
N THR A 295 -42.92 -1.84 1.45
CA THR A 295 -43.95 -0.82 1.34
C THR A 295 -43.36 0.56 1.62
N GLU A 296 -42.56 0.69 2.68
CA GLU A 296 -41.94 1.97 3.01
C GLU A 296 -41.00 2.43 1.89
N LEU A 297 -40.21 1.51 1.34
CA LEU A 297 -39.28 1.89 0.27
C LEU A 297 -40.02 2.37 -0.97
N LYS A 298 -41.21 1.81 -1.25
CA LYS A 298 -41.98 2.22 -2.40
C LYS A 298 -42.36 3.69 -2.34
N LYS A 299 -42.46 4.25 -1.13
CA LYS A 299 -42.82 5.65 -0.99
C LYS A 299 -41.71 6.59 -1.45
N TYR A 300 -40.46 6.12 -1.53
CA TYR A 300 -39.33 6.96 -1.93
C TYR A 300 -38.71 6.55 -3.25
N PHE A 301 -38.57 5.25 -3.51
CA PHE A 301 -38.07 4.76 -4.79
C PHE A 301 -39.17 4.41 -5.79
N SER A 302 -40.44 4.51 -5.40
CA SER A 302 -41.55 4.05 -6.23
C SER A 302 -41.36 2.59 -6.63
N GLY A 303 -40.87 1.80 -5.69
CA GLY A 303 -40.55 0.41 -5.93
C GLY A 303 -39.45 -0.03 -5.00
N HIS A 304 -39.14 -1.34 -5.07
CA HIS A 304 -38.12 -1.90 -4.19
C HIS A 304 -37.13 -2.79 -4.94
N GLU A 305 -37.03 -2.63 -6.27
CA GLU A 305 -36.13 -3.43 -7.08
C GLU A 305 -35.01 -2.57 -7.63
N ASN A 306 -33.94 -3.24 -8.07
CA ASN A 306 -32.74 -2.57 -8.55
C ASN A 306 -33.05 -1.52 -9.62
N GLU A 307 -34.04 -1.79 -10.47
CA GLU A 307 -34.37 -0.84 -11.52
C GLU A 307 -34.83 0.51 -10.95
N GLN A 308 -35.50 0.50 -9.79
CA GLN A 308 -35.90 1.76 -9.19
C GLN A 308 -34.73 2.44 -8.48
N TRP A 309 -33.77 1.64 -7.99
CA TRP A 309 -32.52 2.21 -7.49
C TRP A 309 -31.78 2.93 -8.60
N THR A 310 -31.64 2.27 -9.75
CA THR A 310 -30.99 2.89 -10.90
C THR A 310 -31.71 4.16 -11.32
N ALA A 311 -33.05 4.16 -11.27
CA ALA A 311 -33.81 5.33 -11.68
C ALA A 311 -33.49 6.54 -10.80
N ILE A 312 -33.39 6.32 -9.48
CA ILE A 312 -33.05 7.42 -8.57
C ILE A 312 -31.63 7.92 -8.83
N GLU A 313 -30.70 7.00 -9.12
CA GLU A 313 -29.33 7.40 -9.41
C GLU A 313 -29.25 8.23 -10.68
N LYS A 314 -30.13 7.96 -11.65
CA LYS A 314 -30.19 8.79 -12.84
C LYS A 314 -30.69 10.20 -12.50
N LEU A 315 -31.64 10.30 -11.58
CA LEU A 315 -32.16 11.60 -11.19
C LEU A 315 -31.08 12.40 -10.47
N ILE A 316 -30.36 11.73 -9.56
CA ILE A 316 -29.21 12.32 -8.89
C ILE A 316 -28.22 12.86 -9.91
N SER A 317 -27.92 12.08 -10.95
CA SER A 317 -26.86 12.48 -11.88
C SER A 317 -27.28 13.63 -12.78
N GLU A 318 -28.59 13.78 -13.04
CA GLU A 318 -29.05 14.85 -13.89
C GLU A 318 -29.25 16.18 -13.16
N GLN A 319 -29.17 16.18 -11.83
CA GLN A 319 -29.37 17.40 -11.06
C GLN A 319 -28.28 18.44 -11.31
N PRO A 320 -28.62 19.66 -11.73
CA PRO A 320 -27.60 20.70 -11.90
C PRO A 320 -27.22 21.38 -10.59
N VAL A 321 -25.98 21.87 -10.56
CA VAL A 321 -25.48 22.72 -9.48
C VAL A 321 -25.01 24.03 -10.10
N ALA A 322 -24.78 25.02 -9.24
CA ALA A 322 -24.46 26.37 -9.68
C ALA A 322 -23.15 26.42 -10.49
N GLN A 323 -23.19 27.17 -11.60
CA GLN A 323 -22.05 27.27 -12.51
C GLN A 323 -20.80 27.83 -11.83
N ASN A 324 -20.97 28.72 -10.86
CA ASN A 324 -19.81 29.33 -10.22
C ASN A 324 -19.13 28.39 -9.25
N LEU A 325 -19.78 27.31 -8.84
CA LEU A 325 -19.14 26.31 -7.99
C LEU A 325 -18.22 25.39 -8.77
N VAL A 326 -18.20 25.48 -10.10
CA VAL A 326 -17.37 24.61 -10.93
C VAL A 326 -16.53 25.43 -11.92
N PRO A 331 -19.38 22.36 -16.89
CA PRO A 331 -20.24 21.19 -16.66
C PRO A 331 -20.88 21.24 -15.27
N THR A 332 -22.21 21.18 -15.23
CA THR A 332 -22.95 21.48 -14.02
C THR A 332 -23.81 20.34 -13.51
N LYS A 333 -24.07 19.30 -14.29
CA LYS A 333 -24.82 18.17 -13.76
C LYS A 333 -23.93 17.32 -12.87
N LEU A 334 -24.51 16.81 -11.78
CA LEU A 334 -23.71 16.10 -10.79
C LEU A 334 -22.99 14.90 -11.41
N GLY A 335 -23.64 14.24 -12.37
CA GLY A 335 -23.02 13.11 -13.04
C GLY A 335 -21.88 13.47 -13.97
N GLU A 336 -21.75 14.75 -14.32
CA GLU A 336 -20.62 15.22 -15.10
C GLU A 336 -19.43 15.63 -14.23
N LEU A 337 -19.60 15.64 -12.91
CA LEU A 337 -18.55 16.03 -11.99
C LEU A 337 -17.94 14.80 -11.32
N GLU A 338 -16.63 14.83 -11.15
CA GLU A 338 -15.94 13.79 -10.40
C GLU A 338 -14.82 14.42 -9.58
N GLY A 339 -14.35 13.69 -8.58
CA GLY A 339 -13.31 14.22 -7.71
C GLY A 339 -13.86 14.45 -6.31
N ASN A 340 -13.35 13.72 -5.32
CA ASN A 340 -13.96 13.75 -4.00
C ASN A 340 -13.89 15.15 -3.39
N ALA A 341 -12.69 15.71 -3.31
CA ALA A 341 -12.53 17.02 -2.67
C ALA A 341 -13.39 18.07 -3.36
N LYS A 342 -13.45 18.03 -4.69
CA LYS A 342 -14.29 18.98 -5.43
C LYS A 342 -15.75 18.83 -5.07
N LEU A 343 -16.27 17.61 -5.07
CA LEU A 343 -17.68 17.43 -4.73
C LEU A 343 -17.95 17.73 -3.25
N THR A 344 -16.94 17.51 -2.40
CA THR A 344 -17.06 17.89 -0.99
C THR A 344 -17.27 19.39 -0.84
N THR A 345 -16.46 20.20 -1.54
CA THR A 345 -16.63 21.64 -1.44
C THR A 345 -18.01 22.08 -1.91
N ILE A 346 -18.59 21.35 -2.86
CA ILE A 346 -19.90 21.70 -3.39
C ILE A 346 -20.99 21.32 -2.40
N LEU A 347 -20.91 20.11 -1.85
CA LEU A 347 -21.84 19.72 -0.79
C LEU A 347 -21.83 20.72 0.35
N ALA A 348 -20.64 21.24 0.70
CA ALA A 348 -20.51 22.19 1.80
C ALA A 348 -21.32 23.45 1.54
N TYR A 349 -21.18 24.02 0.34
CA TYR A 349 -21.99 25.19 -0.04
C TYR A 349 -23.48 24.93 0.16
N TYR A 350 -23.98 23.83 -0.39
CA TYR A 350 -25.42 23.55 -0.32
C TYR A 350 -25.86 23.28 1.11
N ARG A 351 -25.00 22.65 1.93
CA ARG A 351 -25.34 22.46 3.34
C ARG A 351 -25.38 23.80 4.07
N MET A 352 -24.50 24.73 3.71
CA MET A 352 -24.53 26.03 4.35
C MET A 352 -25.82 26.77 4.00
N GLU A 353 -26.28 26.63 2.76
CA GLU A 353 -27.53 27.25 2.39
C GLU A 353 -28.71 26.56 3.07
N THR A 354 -28.67 25.22 3.19
CA THR A 354 -29.69 24.54 3.97
C THR A 354 -29.79 25.09 5.38
N ALA A 355 -28.64 25.34 6.03
CA ALA A 355 -28.66 25.96 7.35
C ALA A 355 -29.29 27.34 7.32
N GLY A 356 -29.02 28.11 6.27
CA GLY A 356 -29.61 29.44 6.16
C GLY A 356 -31.10 29.40 5.94
N LYS A 357 -31.59 28.45 5.14
CA LYS A 357 -33.03 28.33 4.93
C LYS A 357 -33.76 28.05 6.23
N PHE A 358 -33.11 27.38 7.17
CA PHE A 358 -33.67 27.04 8.49
C PHE A 358 -35.13 26.61 8.40
N GLN B 1 -7.22 -16.12 -2.47
CA GLN B 1 -8.63 -15.86 -2.72
C GLN B 1 -9.48 -15.99 -1.46
N VAL B 2 -10.76 -15.68 -1.60
CA VAL B 2 -11.66 -15.66 -0.47
C VAL B 2 -12.08 -17.09 -0.17
N GLN B 3 -12.08 -17.47 1.11
CA GLN B 3 -12.49 -18.80 1.50
C GLN B 3 -13.17 -18.74 2.86
N LEU B 4 -14.35 -19.35 2.95
CA LEU B 4 -15.05 -19.54 4.23
C LEU B 4 -14.98 -21.02 4.56
N GLN B 5 -14.35 -21.37 5.67
CA GLN B 5 -14.11 -22.78 6.01
C GLN B 5 -14.80 -23.14 7.32
N GLU B 6 -15.81 -24.00 7.24
CA GLU B 6 -16.51 -24.48 8.43
C GLU B 6 -15.76 -25.63 9.07
N SER B 7 -15.85 -25.72 10.39
CA SER B 7 -15.39 -26.91 11.12
C SER B 7 -16.26 -27.10 12.35
N GLY B 8 -16.01 -28.19 13.06
CA GLY B 8 -16.65 -28.43 14.34
C GLY B 8 -17.89 -29.30 14.29
N GLY B 9 -18.27 -29.81 13.12
CA GLY B 9 -19.48 -30.60 12.96
C GLY B 9 -19.26 -32.07 13.25
N GLY B 10 -20.10 -32.89 12.67
CA GLY B 10 -20.04 -34.33 12.86
C GLY B 10 -21.22 -34.88 13.65
N LEU B 11 -20.99 -36.03 14.28
CA LEU B 11 -22.05 -36.79 14.93
C LEU B 11 -22.08 -36.48 16.41
N VAL B 12 -23.28 -36.26 16.95
CA VAL B 12 -23.46 -35.93 18.36
C VAL B 12 -24.76 -36.55 18.85
N GLN B 13 -24.76 -36.97 20.11
CA GLN B 13 -25.97 -37.52 20.71
C GLN B 13 -27.01 -36.42 20.88
N ALA B 14 -28.27 -36.84 20.94
CA ALA B 14 -29.35 -35.91 21.24
C ALA B 14 -29.10 -35.24 22.58
N GLY B 15 -29.43 -33.96 22.67
CA GLY B 15 -29.23 -33.23 23.90
C GLY B 15 -27.81 -32.75 24.14
N GLY B 16 -26.90 -32.99 23.21
CA GLY B 16 -25.52 -32.58 23.35
C GLY B 16 -25.24 -31.24 22.71
N SER B 17 -23.95 -30.86 22.71
CA SER B 17 -23.51 -29.58 22.20
C SER B 17 -22.51 -29.74 21.07
N LEU B 18 -22.52 -28.76 20.16
CA LEU B 18 -21.47 -28.58 19.17
C LEU B 18 -21.06 -27.13 19.14
N THR B 19 -19.77 -26.88 18.93
CA THR B 19 -19.27 -25.56 18.60
C THR B 19 -18.86 -25.57 17.13
N LEU B 20 -19.70 -25.01 16.28
CA LEU B 20 -19.35 -24.83 14.88
C LEU B 20 -18.47 -23.59 14.73
N SER B 21 -17.41 -23.74 13.94
N SER B 21 -17.44 -23.72 13.91
CA SER B 21 -16.50 -22.65 13.61
CA SER B 21 -16.50 -22.64 13.64
C SER B 21 -16.60 -22.34 12.13
C SER B 21 -16.44 -22.36 12.14
N CYS B 22 -16.39 -21.08 11.79
CA CYS B 22 -16.20 -20.66 10.40
C CYS B 22 -15.05 -19.67 10.34
N ALA B 23 -13.94 -20.09 9.73
CA ALA B 23 -12.77 -19.26 9.56
C ALA B 23 -12.78 -18.61 8.17
N VAL B 24 -12.45 -17.33 8.13
CA VAL B 24 -12.52 -16.52 6.92
C VAL B 24 -11.10 -16.11 6.51
N SER B 25 -10.78 -16.29 5.23
CA SER B 25 -9.46 -16.02 4.67
C SER B 25 -9.59 -15.13 3.45
N GLY B 26 -8.56 -14.31 3.22
CA GLY B 26 -8.54 -13.46 2.06
C GLY B 26 -9.49 -12.29 2.12
N LEU B 27 -10.12 -12.06 3.27
CA LEU B 27 -11.14 -11.04 3.38
C LEU B 27 -10.98 -10.27 4.68
N THR B 28 -11.40 -8.99 4.67
CA THR B 28 -11.40 -8.15 5.88
C THR B 28 -12.60 -8.58 6.71
N PHE B 29 -12.36 -9.53 7.62
CA PHE B 29 -13.43 -10.15 8.39
C PHE B 29 -14.31 -9.11 9.10
N SER B 30 -13.68 -8.08 9.70
CA SER B 30 -14.44 -7.07 10.44
C SER B 30 -15.39 -6.26 9.56
N ASN B 31 -15.26 -6.33 8.23
CA ASN B 31 -16.19 -5.65 7.32
C ASN B 31 -17.48 -6.43 7.09
N TYR B 32 -17.59 -7.66 7.57
CA TYR B 32 -18.62 -8.59 7.09
C TYR B 32 -19.52 -9.06 8.23
N ALA B 33 -20.82 -8.97 8.01
CA ALA B 33 -21.74 -9.75 8.81
C ALA B 33 -21.56 -11.22 8.44
N MET B 34 -21.79 -12.11 9.41
CA MET B 34 -21.66 -13.54 9.18
C MET B 34 -22.97 -14.24 9.53
N GLY B 35 -23.37 -15.18 8.67
CA GLY B 35 -24.59 -15.92 8.88
C GLY B 35 -24.35 -17.42 8.83
N TRP B 36 -25.24 -18.14 9.48
CA TRP B 36 -25.28 -19.60 9.41
C TRP B 36 -26.63 -20.01 8.85
N PHE B 37 -26.61 -20.86 7.82
CA PHE B 37 -27.77 -21.46 7.19
C PHE B 37 -27.65 -22.97 7.29
N ARG B 38 -28.74 -23.68 7.03
CA ARG B 38 -28.66 -25.13 7.11
C ARG B 38 -29.66 -25.76 6.16
N GLN B 39 -29.30 -26.93 5.64
CA GLN B 39 -30.23 -27.68 4.82
C GLN B 39 -30.42 -29.05 5.45
N ALA B 40 -31.60 -29.26 6.03
CA ALA B 40 -31.97 -30.54 6.60
C ALA B 40 -32.49 -31.46 5.50
N PRO B 41 -32.56 -32.76 5.76
CA PRO B 41 -33.00 -33.69 4.69
C PRO B 41 -34.42 -33.38 4.26
N GLY B 42 -34.64 -33.38 2.94
CA GLY B 42 -35.96 -33.17 2.38
C GLY B 42 -36.55 -31.81 2.66
N LYS B 43 -35.76 -30.85 3.08
CA LYS B 43 -36.23 -29.51 3.38
C LYS B 43 -35.37 -28.47 2.66
N GLU B 44 -35.99 -27.32 2.41
CA GLU B 44 -35.31 -26.18 1.82
C GLU B 44 -34.27 -25.63 2.80
N ARG B 45 -33.22 -25.03 2.24
CA ARG B 45 -32.24 -24.33 3.07
C ARG B 45 -32.96 -23.27 3.91
N GLU B 46 -32.56 -23.16 5.17
CA GLU B 46 -33.18 -22.15 6.03
C GLU B 46 -32.13 -21.36 6.81
N PHE B 47 -32.52 -20.13 7.15
CA PHE B 47 -31.72 -19.27 8.01
C PHE B 47 -31.66 -19.85 9.42
N VAL B 48 -30.47 -19.86 10.01
CA VAL B 48 -30.28 -20.28 11.39
C VAL B 48 -29.97 -19.09 12.30
N ALA B 49 -28.87 -18.39 12.04
CA ALA B 49 -28.45 -17.30 12.92
C ALA B 49 -27.51 -16.38 12.17
N ALA B 50 -27.43 -15.13 12.63
CA ALA B 50 -26.45 -14.23 12.03
C ALA B 50 -26.03 -13.19 13.06
N ILE B 51 -24.91 -12.54 12.76
CA ILE B 51 -24.37 -11.46 13.60
C ILE B 51 -23.96 -10.32 12.68
N THR B 52 -24.34 -9.09 13.05
CA THR B 52 -24.04 -7.95 12.19
C THR B 52 -22.53 -7.74 12.11
N TRP B 53 -22.11 -6.92 11.15
CA TRP B 53 -20.69 -6.73 10.91
C TRP B 53 -19.98 -6.19 12.16
N ASP B 54 -20.64 -5.31 12.91
CA ASP B 54 -20.03 -4.72 14.10
C ASP B 54 -20.34 -5.51 15.37
N GLY B 55 -21.07 -6.62 15.26
CA GLY B 55 -21.45 -7.39 16.42
C GLY B 55 -22.52 -6.78 17.31
N GLY B 56 -23.15 -5.68 16.87
CA GLY B 56 -24.11 -5.01 17.73
C GLY B 56 -25.45 -5.73 17.84
N ASN B 57 -25.77 -6.58 16.87
CA ASN B 57 -27.04 -7.28 16.85
C ASN B 57 -26.85 -8.72 16.41
N THR B 58 -27.67 -9.61 16.96
CA THR B 58 -27.73 -11.00 16.53
C THR B 58 -29.18 -11.38 16.27
N TYR B 59 -29.37 -12.32 15.33
CA TYR B 59 -30.68 -12.75 14.88
C TYR B 59 -30.71 -14.27 14.79
N TYR B 60 -31.82 -14.86 15.21
CA TYR B 60 -31.98 -16.30 15.17
C TYR B 60 -33.34 -16.64 14.57
N THR B 61 -33.40 -17.81 13.94
CA THR B 61 -34.71 -18.34 13.62
C THR B 61 -35.36 -18.86 14.89
N ASP B 62 -36.70 -18.85 14.90
CA ASP B 62 -37.47 -19.18 16.11
C ASP B 62 -37.09 -20.55 16.66
N SER B 63 -36.89 -21.53 15.78
CA SER B 63 -36.72 -22.90 16.25
C SER B 63 -35.38 -23.14 16.96
N VAL B 64 -34.43 -22.21 16.87
CA VAL B 64 -33.17 -22.34 17.60
C VAL B 64 -32.94 -21.22 18.60
N LYS B 65 -33.84 -20.24 18.69
CA LYS B 65 -33.60 -19.11 19.58
C LYS B 65 -33.53 -19.60 21.03
N GLY B 66 -32.51 -19.11 21.76
CA GLY B 66 -32.26 -19.57 23.11
C GLY B 66 -31.39 -20.83 23.21
N ARG B 67 -31.41 -21.69 22.19
CA ARG B 67 -30.56 -22.88 22.17
C ARG B 67 -29.21 -22.63 21.50
N PHE B 68 -29.18 -21.82 20.45
CA PHE B 68 -27.95 -21.52 19.73
C PHE B 68 -27.50 -20.10 20.09
N THR B 69 -26.20 -19.88 19.98
CA THR B 69 -25.61 -18.57 20.25
C THR B 69 -24.53 -18.32 19.22
N ILE B 70 -24.71 -17.30 18.40
CA ILE B 70 -23.71 -16.93 17.40
C ILE B 70 -22.80 -15.86 18.01
N SER B 71 -21.52 -15.90 17.66
CA SER B 71 -20.59 -14.91 18.19
C SER B 71 -19.40 -14.83 17.25
N ARG B 72 -18.62 -13.76 17.40
CA ARG B 72 -17.50 -13.55 16.49
C ARG B 72 -16.26 -13.13 17.27
N ASP B 73 -15.11 -13.49 16.71
CA ASP B 73 -13.80 -13.14 17.23
C ASP B 73 -13.05 -12.53 16.05
N ASN B 74 -13.08 -11.20 15.94
CA ASN B 74 -12.43 -10.56 14.82
C ASN B 74 -10.93 -10.84 14.78
N ALA B 75 -10.31 -11.02 15.94
CA ALA B 75 -8.87 -11.24 15.95
C ALA B 75 -8.49 -12.60 15.38
N LYS B 76 -9.46 -13.52 15.27
CA LYS B 76 -9.22 -14.86 14.75
C LYS B 76 -9.92 -15.08 13.42
N ASN B 77 -10.51 -14.03 12.85
CA ASN B 77 -11.23 -14.11 11.59
C ASN B 77 -12.26 -15.25 11.60
N THR B 78 -12.94 -15.44 12.74
CA THR B 78 -13.82 -16.57 12.96
C THR B 78 -15.16 -16.14 13.55
N VAL B 79 -16.23 -16.75 13.02
CA VAL B 79 -17.56 -16.69 13.63
C VAL B 79 -17.89 -18.08 14.17
N PHE B 80 -18.53 -18.12 15.34
CA PHE B 80 -18.90 -19.36 15.99
C PHE B 80 -20.41 -19.46 16.07
N LEU B 81 -20.90 -20.71 16.00
CA LEU B 81 -22.27 -21.04 16.30
C LEU B 81 -22.23 -22.09 17.41
N GLN B 82 -22.55 -21.68 18.62
CA GLN B 82 -22.63 -22.59 19.76
C GLN B 82 -24.01 -23.23 19.77
N MET B 83 -24.07 -24.54 19.57
CA MET B 83 -25.33 -25.28 19.47
C MET B 83 -25.49 -26.16 20.71
N ASN B 84 -26.45 -25.81 21.57
CA ASN B 84 -26.75 -26.59 22.76
C ASN B 84 -28.12 -27.26 22.63
N SER B 85 -28.35 -28.27 23.46
CA SER B 85 -29.63 -28.97 23.52
C SER B 85 -30.05 -29.44 22.12
N LEU B 86 -29.16 -30.22 21.51
CA LEU B 86 -29.37 -30.61 20.12
C LEU B 86 -30.47 -31.66 20.01
N LYS B 87 -31.21 -31.58 18.90
CA LYS B 87 -32.35 -32.42 18.57
C LYS B 87 -32.13 -33.05 17.19
N PRO B 88 -32.72 -34.24 16.96
CA PRO B 88 -32.60 -34.84 15.62
C PRO B 88 -32.97 -33.90 14.49
N GLU B 89 -34.00 -33.08 14.64
CA GLU B 89 -34.36 -32.10 13.62
C GLU B 89 -33.25 -31.10 13.35
N ASP B 90 -32.24 -31.01 14.21
CA ASP B 90 -31.11 -30.14 13.92
C ASP B 90 -30.12 -30.78 12.96
N THR B 91 -30.28 -32.07 12.64
CA THR B 91 -29.42 -32.73 11.66
C THR B 91 -29.56 -32.03 10.30
N ALA B 92 -28.42 -31.63 9.74
CA ALA B 92 -28.40 -30.81 8.52
C ALA B 92 -26.96 -30.56 8.12
N VAL B 93 -26.78 -30.11 6.89
CA VAL B 93 -25.53 -29.49 6.46
C VAL B 93 -25.61 -28.02 6.80
N TYR B 94 -24.61 -27.52 7.51
CA TYR B 94 -24.57 -26.14 8.00
C TYR B 94 -23.58 -25.33 7.17
N TYR B 95 -24.05 -24.19 6.66
CA TYR B 95 -23.23 -23.31 5.82
C TYR B 95 -22.96 -21.99 6.52
N CYS B 96 -21.71 -21.57 6.43
CA CYS B 96 -21.22 -20.25 6.78
C CYS B 96 -21.34 -19.32 5.59
N ALA B 97 -21.68 -18.06 5.85
CA ALA B 97 -21.88 -17.09 4.77
C ALA B 97 -21.53 -15.69 5.25
N ALA B 98 -21.08 -14.85 4.31
CA ALA B 98 -20.58 -13.51 4.65
C ALA B 98 -21.27 -12.46 3.80
N LYS B 99 -21.73 -11.37 4.45
CA LYS B 99 -22.36 -10.27 3.73
C LYS B 99 -21.76 -8.96 4.22
N LEU B 100 -21.27 -8.16 3.27
CA LEU B 100 -20.58 -6.92 3.58
C LEU B 100 -21.48 -6.01 4.40
N LEU B 101 -21.01 -5.61 5.58
CA LEU B 101 -21.66 -4.58 6.39
C LEU B 101 -23.11 -4.93 6.71
N GLY B 102 -23.43 -6.22 6.73
CA GLY B 102 -24.79 -6.64 7.02
C GLY B 102 -25.27 -6.09 8.36
N SER B 103 -26.48 -5.57 8.42
CA SER B 103 -26.86 -4.78 9.58
C SER B 103 -28.32 -4.92 10.00
N SER B 104 -29.07 -5.89 9.48
CA SER B 104 -30.50 -5.96 9.76
C SER B 104 -30.99 -7.39 9.61
N ARG B 105 -32.06 -7.70 10.34
CA ARG B 105 -32.63 -9.04 10.25
C ARG B 105 -33.06 -9.40 8.83
N TYR B 106 -33.60 -8.42 8.09
CA TYR B 106 -34.06 -8.75 6.74
C TYR B 106 -32.88 -9.14 5.84
N GLU B 107 -31.81 -8.33 5.82
CA GLU B 107 -30.61 -8.67 5.05
C GLU B 107 -30.15 -10.08 5.38
N LEU B 108 -29.93 -10.34 6.66
CA LEU B 108 -29.18 -11.51 7.07
C LEU B 108 -30.02 -12.77 7.07
N ALA B 109 -31.35 -12.66 7.06
CA ALA B 109 -32.17 -13.86 6.96
C ALA B 109 -32.67 -14.11 5.55
N LEU B 110 -32.85 -13.07 4.75
CA LEU B 110 -33.63 -13.22 3.52
C LEU B 110 -32.88 -12.79 2.27
N ALA B 111 -31.96 -11.83 2.38
CA ALA B 111 -31.26 -11.31 1.20
C ALA B 111 -30.04 -12.16 0.87
N GLY B 112 -29.42 -11.87 -0.27
CA GLY B 112 -28.29 -12.66 -0.73
C GLY B 112 -26.99 -12.22 -0.07
N TYR B 113 -26.12 -13.20 0.18
CA TYR B 113 -24.81 -12.93 0.75
C TYR B 113 -23.74 -12.87 -0.34
N ASP B 114 -22.56 -12.43 0.08
CA ASP B 114 -21.44 -12.22 -0.84
C ASP B 114 -20.55 -13.43 -0.99
N TYR B 115 -20.41 -14.23 0.07
CA TYR B 115 -19.52 -15.37 0.08
C TYR B 115 -20.16 -16.48 0.90
N TRP B 116 -19.97 -17.71 0.45
CA TRP B 116 -20.51 -18.89 1.10
C TRP B 116 -19.39 -19.90 1.35
N GLY B 117 -19.45 -20.58 2.49
CA GLY B 117 -18.63 -21.75 2.72
C GLY B 117 -19.14 -22.97 1.94
N GLN B 118 -18.42 -24.09 2.10
CA GLN B 118 -18.82 -25.32 1.44
C GLN B 118 -19.77 -26.17 2.29
N GLY B 119 -19.98 -25.80 3.54
CA GLY B 119 -20.86 -26.53 4.41
C GLY B 119 -20.16 -27.65 5.15
N THR B 120 -20.77 -28.07 6.25
CA THR B 120 -20.26 -29.19 7.01
C THR B 120 -21.44 -29.92 7.62
N GLN B 121 -21.34 -31.24 7.64
CA GLN B 121 -22.43 -32.07 8.10
C GLN B 121 -22.48 -32.11 9.62
N VAL B 122 -23.68 -31.94 10.16
CA VAL B 122 -23.97 -32.19 11.56
C VAL B 122 -25.03 -33.28 11.63
N THR B 123 -24.78 -34.33 12.41
CA THR B 123 -25.72 -35.40 12.61
C THR B 123 -26.04 -35.53 14.08
N VAL B 124 -27.30 -35.36 14.44
CA VAL B 124 -27.78 -35.53 15.82
C VAL B 124 -28.52 -36.85 15.90
N SER B 125 -27.90 -37.83 16.55
CA SER B 125 -28.43 -39.19 16.63
C SER B 125 -29.00 -39.44 18.03
N SER B 126 -30.28 -39.80 18.08
CA SER B 126 -30.89 -40.32 19.29
C SER B 126 -30.78 -41.84 19.36
N HIS B 127 -29.64 -42.38 18.91
CA HIS B 127 -29.42 -43.82 18.70
C HIS B 127 -30.34 -44.37 17.62
N ALA C 1 45.25 -11.63 4.45
CA ALA C 1 46.01 -11.84 3.22
C ALA C 1 45.09 -12.09 2.03
N ALA C 2 45.54 -11.69 0.83
CA ALA C 2 44.79 -11.93 -0.38
C ALA C 2 44.46 -13.41 -0.54
N GLU C 3 43.32 -13.68 -1.17
CA GLU C 3 42.87 -15.03 -1.52
C GLU C 3 42.60 -15.90 -0.29
N LYS C 4 42.16 -15.31 0.82
CA LYS C 4 41.79 -16.05 2.01
C LYS C 4 40.32 -15.78 2.36
N GLY C 5 39.82 -16.53 3.34
CA GLY C 5 38.45 -16.38 3.76
C GLY C 5 38.19 -15.01 4.38
N PHE C 6 36.92 -14.63 4.41
CA PHE C 6 36.54 -13.28 4.82
C PHE C 6 36.20 -13.26 6.30
N LYS C 7 36.91 -12.43 7.06
CA LYS C 7 36.60 -12.30 8.46
C LYS C 7 35.31 -11.50 8.65
N GLN C 8 34.80 -11.52 9.88
CA GLN C 8 33.50 -10.95 10.20
C GLN C 8 33.43 -9.45 9.91
N ALA C 9 34.57 -8.75 9.99
CA ALA C 9 34.59 -7.34 9.66
C ALA C 9 34.06 -7.06 8.25
N PHE C 10 34.17 -8.05 7.36
CA PHE C 10 33.71 -7.90 5.98
C PHE C 10 32.22 -8.22 5.81
N TRP C 11 31.76 -9.31 6.40
CA TRP C 11 30.39 -9.75 6.13
C TRP C 11 29.37 -9.30 7.17
N GLN C 12 29.80 -8.93 8.39
CA GLN C 12 28.84 -8.42 9.34
C GLN C 12 28.13 -7.15 8.85
N PRO C 13 28.80 -6.17 8.24
CA PRO C 13 28.05 -5.02 7.72
C PRO C 13 27.06 -5.39 6.63
N LEU C 14 27.31 -6.48 5.90
CA LEU C 14 26.35 -6.94 4.90
C LEU C 14 25.14 -7.59 5.57
N CYS C 15 25.37 -8.36 6.64
CA CYS C 15 24.26 -8.87 7.43
C CYS C 15 23.40 -7.73 7.98
N GLN C 16 24.04 -6.69 8.50
CA GLN C 16 23.30 -5.58 9.08
C GLN C 16 22.46 -4.89 8.01
N VAL C 17 23.02 -4.66 6.83
CA VAL C 17 22.22 -4.11 5.74
C VAL C 17 21.06 -5.05 5.42
N SER C 18 21.35 -6.36 5.31
CA SER C 18 20.31 -7.32 4.98
C SER C 18 19.20 -7.31 6.02
N GLU C 19 19.57 -7.28 7.31
CA GLU C 19 18.55 -7.26 8.35
C GLU C 19 17.76 -5.96 8.34
N GLU C 20 18.39 -4.84 8.00
CA GLU C 20 17.63 -3.59 7.88
C GLU C 20 16.75 -3.57 6.64
N LEU C 21 17.23 -4.13 5.52
CA LEU C 21 16.38 -4.22 4.35
C LEU C 21 15.16 -5.11 4.62
N ASP C 22 15.32 -6.10 5.50
CA ASP C 22 14.22 -6.98 5.89
C ASP C 22 13.05 -6.18 6.47
N ASP C 23 13.34 -5.03 7.09
CA ASP C 23 12.29 -4.23 7.71
C ASP C 23 11.60 -3.29 6.73
N GLN C 24 12.13 -3.11 5.54
CA GLN C 24 11.52 -2.17 4.58
C GLN C 24 10.08 -2.54 4.22
N PRO C 25 9.73 -3.80 3.94
CA PRO C 25 8.31 -4.12 3.72
C PRO C 25 7.48 -3.92 4.97
N LYS C 26 8.07 -4.13 6.15
CA LYS C 26 7.37 -3.84 7.40
C LYS C 26 7.05 -2.36 7.52
N GLY C 27 7.98 -1.50 7.07
CA GLY C 27 7.73 -0.06 7.08
C GLY C 27 6.71 0.36 6.04
N ALA C 28 6.73 -0.30 4.88
CA ALA C 28 5.70 -0.03 3.88
C ALA C 28 4.31 -0.37 4.41
N LEU C 29 4.18 -1.53 5.06
CA LEU C 29 2.89 -1.86 5.65
C LEU C 29 2.51 -0.83 6.71
N PHE C 30 3.45 -0.49 7.60
CA PHE C 30 3.22 0.56 8.58
C PHE C 30 2.67 1.83 7.92
N THR C 31 3.34 2.30 6.87
CA THR C 31 2.97 3.58 6.28
C THR C 31 1.66 3.50 5.52
N LEU C 32 1.45 2.45 4.72
CA LEU C 32 0.16 2.32 4.04
C LEU C 32 -0.96 2.27 5.07
N GLN C 33 -0.76 1.54 6.16
CA GLN C 33 -1.80 1.42 7.17
C GLN C 33 -2.02 2.74 7.90
N ALA C 34 -0.93 3.49 8.17
CA ALA C 34 -1.04 4.75 8.89
C ALA C 34 -1.76 5.79 8.05
N ALA C 35 -1.46 5.84 6.75
CA ALA C 35 -2.18 6.72 5.85
C ALA C 35 -3.68 6.47 5.93
N ALA C 36 -4.10 5.20 5.83
CA ALA C 36 -5.52 4.88 5.93
C ALA C 36 -6.09 5.28 7.30
N SER C 37 -5.36 4.99 8.38
CA SER C 37 -5.84 5.33 9.72
C SER C 37 -6.00 6.83 9.89
N LYS C 38 -5.09 7.61 9.30
CA LYS C 38 -5.19 9.06 9.45
C LYS C 38 -6.28 9.64 8.56
N ILE C 39 -6.46 9.10 7.35
CA ILE C 39 -7.66 9.43 6.57
C ILE C 39 -8.90 9.12 7.40
N GLN C 40 -8.92 7.94 8.02
CA GLN C 40 -10.09 7.51 8.79
C GLN C 40 -10.34 8.43 9.98
N LYS C 41 -9.28 8.90 10.62
CA LYS C 41 -9.44 9.88 11.70
C LYS C 41 -10.00 11.19 11.16
N MET C 42 -9.49 11.66 10.03
CA MET C 42 -10.06 12.85 9.40
C MET C 42 -11.53 12.63 9.07
N ARG C 43 -11.86 11.46 8.49
CA ARG C 43 -13.23 11.19 8.13
C ARG C 43 -14.13 11.12 9.38
N ASP C 44 -13.65 10.51 10.47
CA ASP C 44 -14.45 10.46 11.69
C ASP C 44 -14.76 11.87 12.19
N ALA C 45 -13.79 12.77 12.13
CA ALA C 45 -14.04 14.14 12.57
C ALA C 45 -15.03 14.84 11.65
N ALA C 46 -14.89 14.64 10.33
CA ALA C 46 -15.85 15.20 9.40
C ALA C 46 -17.26 14.69 9.69
N LEU C 47 -17.38 13.40 10.05
CA LEU C 47 -18.69 12.82 10.32
C LEU C 47 -19.26 13.30 11.65
N ARG C 48 -18.43 13.40 12.69
CA ARG C 48 -18.91 13.94 13.96
C ARG C 48 -19.45 15.35 13.78
N ALA C 49 -18.70 16.19 13.03
CA ALA C 49 -19.12 17.56 12.83
C ALA C 49 -20.39 17.63 11.98
N SER C 50 -20.45 16.76 10.97
CA SER C 50 -21.66 16.68 10.15
C SER C 50 -22.87 16.27 10.99
N ILE C 51 -22.70 15.28 11.87
CA ILE C 51 -23.80 14.87 12.73
C ILE C 51 -24.22 16.02 13.63
N TYR C 52 -23.24 16.74 14.18
CA TYR C 52 -23.58 17.89 15.02
C TYR C 52 -24.37 18.92 14.25
N ALA C 53 -23.95 19.21 13.01
CA ALA C 53 -24.66 20.18 12.19
C ALA C 53 -26.09 19.74 11.91
N GLU C 54 -26.29 18.46 11.62
CA GLU C 54 -27.64 17.98 11.36
C GLU C 54 -28.51 18.04 12.61
N ILE C 55 -27.94 17.68 13.77
CA ILE C 55 -28.69 17.71 15.02
C ILE C 55 -29.04 19.15 15.40
N ASN C 56 -28.16 20.09 15.12
CA ASN C 56 -28.37 21.48 15.53
C ASN C 56 -28.73 22.38 14.36
N HIS C 57 -29.42 21.84 13.35
CA HIS C 57 -29.62 22.58 12.11
C HIS C 57 -30.36 23.89 12.39
N GLY C 58 -29.78 24.99 11.88
CA GLY C 58 -30.32 26.32 12.05
C GLY C 58 -29.48 27.23 12.91
N THR C 59 -28.68 26.68 13.82
CA THR C 59 -27.96 27.49 14.78
C THR C 59 -26.65 28.01 14.20
N ASN C 60 -26.12 29.07 14.81
CA ASN C 60 -24.82 29.59 14.38
C ASN C 60 -23.73 28.53 14.53
N ARG C 61 -23.82 27.69 15.56
CA ARG C 61 -22.82 26.65 15.76
C ARG C 61 -22.94 25.53 14.73
N ALA C 62 -24.14 25.29 14.21
CA ALA C 62 -24.29 24.29 13.16
C ALA C 62 -23.58 24.74 11.89
N LYS C 63 -23.64 26.03 11.58
CA LYS C 63 -22.93 26.56 10.43
C LYS C 63 -21.43 26.48 10.64
N ALA C 64 -20.97 26.73 11.87
CA ALA C 64 -19.58 26.49 12.22
C ALA C 64 -19.20 25.02 11.98
N ALA C 65 -20.09 24.11 12.38
CA ALA C 65 -19.80 22.68 12.22
C ALA C 65 -19.74 22.27 10.75
N VAL C 66 -20.48 22.95 9.89
CA VAL C 66 -20.41 22.66 8.46
C VAL C 66 -19.04 23.03 7.91
N ILE C 67 -18.53 24.20 8.34
CA ILE C 67 -17.18 24.60 7.98
C ILE C 67 -16.17 23.57 8.47
N VAL C 68 -16.34 23.10 9.71
CA VAL C 68 -15.45 22.09 10.28
C VAL C 68 -15.58 20.77 9.50
N ALA C 69 -16.81 20.35 9.22
CA ALA C 69 -17.01 19.09 8.50
C ALA C 69 -16.37 19.15 7.11
N ASN C 70 -16.56 20.26 6.40
CA ASN C 70 -15.93 20.46 5.10
C ASN C 70 -14.42 20.37 5.22
N HIS C 71 -13.86 20.98 6.26
CA HIS C 71 -12.42 20.98 6.48
C HIS C 71 -11.90 19.54 6.54
N TYR C 72 -12.42 18.76 7.48
CA TYR C 72 -11.94 17.40 7.68
C TYR C 72 -12.29 16.48 6.52
N ALA C 73 -13.44 16.68 5.88
CA ALA C 73 -13.79 15.88 4.71
C ALA C 73 -12.84 16.15 3.56
N MET C 74 -12.47 17.42 3.35
CA MET C 74 -11.46 17.73 2.34
C MET C 74 -10.13 17.11 2.70
N LYS C 75 -9.78 17.12 3.99
CA LYS C 75 -8.55 16.47 4.44
C LYS C 75 -8.57 14.98 4.12
N ALA C 76 -9.68 14.30 4.41
CA ALA C 76 -9.78 12.86 4.15
C ALA C 76 -9.70 12.57 2.65
N ASP C 77 -10.41 13.37 1.84
CA ASP C 77 -10.33 13.18 0.40
C ASP C 77 -8.89 13.34 -0.10
N SER C 78 -8.20 14.40 0.34
CA SER C 78 -6.84 14.62 -0.15
C SER C 78 -5.92 13.51 0.29
N GLY C 79 -6.11 12.98 1.50
CA GLY C 79 -5.25 11.90 1.97
C GLY C 79 -5.44 10.63 1.17
N LEU C 80 -6.66 10.35 0.76
CA LEU C 80 -6.86 9.17 -0.08
C LEU C 80 -6.27 9.38 -1.46
N GLU C 81 -6.42 10.59 -2.01
CA GLU C 81 -5.75 10.90 -3.27
C GLU C 81 -4.24 10.75 -3.14
N ALA C 82 -3.67 11.15 -2.00
CA ALA C 82 -2.23 11.00 -1.80
C ALA C 82 -1.84 9.53 -1.64
N LEU C 83 -2.63 8.76 -0.90
CA LEU C 83 -2.38 7.32 -0.84
C LEU C 83 -2.33 6.73 -2.23
N LYS C 84 -3.27 7.13 -3.09
CA LYS C 84 -3.37 6.54 -4.42
C LYS C 84 -2.21 6.98 -5.31
N GLN C 85 -1.96 8.28 -5.38
CA GLN C 85 -1.08 8.83 -6.40
C GLN C 85 0.39 8.82 -6.02
N THR C 86 0.70 8.77 -4.73
CA THR C 86 2.06 9.08 -4.29
C THR C 86 2.60 8.04 -3.32
N LEU C 87 1.87 7.76 -2.24
CA LEU C 87 2.39 6.84 -1.22
C LEU C 87 2.44 5.40 -1.74
N SER C 88 1.44 4.99 -2.54
CA SER C 88 1.45 3.63 -3.05
C SER C 88 2.72 3.37 -3.86
N SER C 89 3.05 4.30 -4.77
CA SER C 89 4.23 4.11 -5.61
C SER C 89 5.49 4.17 -4.78
N GLN C 90 5.56 5.12 -3.83
CA GLN C 90 6.72 5.21 -2.94
C GLN C 90 6.95 3.91 -2.19
N GLU C 91 5.88 3.36 -1.60
CA GLU C 91 6.09 2.23 -0.71
C GLU C 91 6.30 0.93 -1.48
N VAL C 92 5.60 0.72 -2.60
CA VAL C 92 5.89 -0.45 -3.43
C VAL C 92 7.32 -0.42 -3.94
N THR C 93 7.77 0.75 -4.41
CA THR C 93 9.12 0.86 -4.96
C THR C 93 10.16 0.60 -3.87
N ALA C 94 9.99 1.21 -2.69
CA ALA C 94 10.94 0.94 -1.60
C ALA C 94 10.89 -0.52 -1.17
N THR C 95 9.70 -1.11 -1.09
CA THR C 95 9.60 -2.54 -0.77
C THR C 95 10.36 -3.37 -1.81
N ALA C 96 10.10 -3.11 -3.09
CA ALA C 96 10.67 -3.94 -4.15
C ALA C 96 12.18 -3.74 -4.26
N THR C 97 12.64 -2.50 -4.27
CA THR C 97 14.08 -2.27 -4.42
C THR C 97 14.84 -2.83 -3.23
N ALA C 98 14.30 -2.68 -2.03
CA ALA C 98 15.01 -3.17 -0.85
C ALA C 98 15.03 -4.70 -0.80
N SER C 99 13.89 -5.33 -1.13
CA SER C 99 13.79 -6.78 -1.06
C SER C 99 14.66 -7.44 -2.13
N TYR C 100 14.73 -6.82 -3.31
CA TYR C 100 15.60 -7.31 -4.38
C TYR C 100 17.07 -7.22 -3.97
N LEU C 101 17.50 -6.05 -3.52
CA LEU C 101 18.87 -5.92 -3.06
C LEU C 101 19.16 -6.89 -1.92
N LYS C 102 18.20 -7.05 -1.01
CA LYS C 102 18.39 -8.01 0.07
C LYS C 102 18.57 -9.42 -0.47
N GLY C 103 17.84 -9.76 -1.53
CA GLY C 103 18.03 -11.07 -2.16
C GLY C 103 19.41 -11.19 -2.78
N ARG C 104 19.88 -10.12 -3.44
CA ARG C 104 21.22 -10.15 -4.02
C ARG C 104 22.28 -10.34 -2.93
N ILE C 105 22.13 -9.65 -1.80
CA ILE C 105 23.08 -9.78 -0.70
C ILE C 105 22.98 -11.17 -0.07
N ASP C 106 21.77 -11.64 0.17
CA ASP C 106 21.64 -12.88 0.93
C ASP C 106 22.16 -14.08 0.15
N GLU C 107 22.06 -14.05 -1.18
CA GLU C 107 22.52 -15.17 -1.98
C GLU C 107 24.04 -15.24 -1.97
N TYR C 108 24.69 -14.07 -1.92
CA TYR C 108 26.13 -14.02 -1.76
C TYR C 108 26.53 -14.48 -0.36
N LEU C 109 25.95 -13.89 0.69
CA LEU C 109 26.28 -14.31 2.05
C LEU C 109 25.98 -15.80 2.27
N ASN C 110 24.88 -16.31 1.71
CA ASN C 110 24.58 -17.72 1.90
C ASN C 110 25.62 -18.60 1.22
N LEU C 111 26.18 -18.13 0.10
CA LEU C 111 27.24 -18.88 -0.55
C LEU C 111 28.50 -18.94 0.30
N LEU C 112 28.88 -17.81 0.92
CA LEU C 112 30.06 -17.80 1.79
C LEU C 112 29.86 -18.74 2.96
N LEU C 113 28.68 -18.69 3.57
CA LEU C 113 28.37 -19.51 4.75
C LEU C 113 28.60 -20.99 4.49
N GLN C 114 28.19 -21.48 3.31
CA GLN C 114 28.26 -22.91 2.99
C GLN C 114 29.61 -23.34 2.41
N THR C 115 30.35 -22.42 1.80
CA THR C 115 31.61 -22.76 1.14
C THR C 115 32.73 -22.84 2.18
N LYS C 116 32.80 -24.00 2.82
CA LYS C 116 33.81 -24.25 3.85
C LYS C 116 34.29 -25.69 3.76
N GLU C 117 35.50 -25.91 4.28
CA GLU C 117 36.08 -27.24 4.33
C GLU C 117 36.17 -27.81 5.74
N SER C 118 36.18 -26.98 6.76
CA SER C 118 36.44 -27.45 8.11
C SER C 118 35.93 -26.41 9.10
N GLY C 119 36.14 -26.70 10.39
CA GLY C 119 35.79 -25.73 11.41
C GLY C 119 36.70 -24.51 11.45
N THR C 120 37.87 -24.58 10.81
CA THR C 120 38.80 -23.47 10.82
C THR C 120 39.16 -22.95 9.43
N SER C 121 38.67 -23.56 8.36
CA SER C 121 39.02 -23.14 7.01
C SER C 121 37.76 -23.02 6.18
N GLY C 122 37.54 -21.83 5.61
CA GLY C 122 36.33 -21.56 4.85
C GLY C 122 36.27 -20.11 4.44
N CYS C 123 35.15 -19.75 3.81
CA CYS C 123 34.94 -18.43 3.25
C CYS C 123 34.33 -17.44 4.23
N MET C 124 33.73 -17.92 5.32
CA MET C 124 33.05 -17.07 6.29
C MET C 124 33.65 -17.35 7.67
N MET C 125 34.51 -16.44 8.13
CA MET C 125 35.22 -16.57 9.39
C MET C 125 34.69 -15.61 10.44
N ASP C 126 34.94 -15.95 11.69
CA ASP C 126 34.53 -15.13 12.83
C ASP C 126 35.41 -13.87 12.90
N THR C 127 35.26 -13.12 14.01
CA THR C 127 35.92 -11.83 14.14
C THR C 127 37.44 -11.96 14.05
N SER C 128 38.02 -12.91 14.78
CA SER C 128 39.46 -13.08 14.83
C SER C 128 40.00 -13.96 13.70
N GLY C 129 39.14 -14.46 12.81
CA GLY C 129 39.62 -15.34 11.77
C GLY C 129 40.10 -16.68 12.27
N THR C 130 39.57 -17.15 13.39
CA THR C 130 39.91 -18.45 13.96
C THR C 130 39.00 -19.56 13.44
N ASN C 131 37.69 -19.39 13.59
CA ASN C 131 36.72 -20.41 13.26
C ASN C 131 35.84 -19.96 12.10
N THR C 132 35.49 -20.92 11.25
CA THR C 132 34.37 -20.71 10.34
C THR C 132 33.09 -20.59 11.17
N VAL C 133 32.14 -19.81 10.66
CA VAL C 133 30.93 -19.51 11.39
C VAL C 133 29.84 -20.49 10.96
N THR C 134 28.86 -20.68 11.83
CA THR C 134 27.71 -21.51 11.52
C THR C 134 26.42 -20.71 11.75
N LYS C 135 25.42 -20.99 10.93
CA LYS C 135 24.09 -20.42 11.17
C LYS C 135 23.44 -21.15 12.34
N ALA C 136 22.86 -20.38 13.26
CA ALA C 136 22.16 -20.96 14.41
C ALA C 136 20.88 -20.15 14.60
N GLY C 137 19.78 -20.67 14.10
CA GLY C 137 18.55 -19.90 14.12
C GLY C 137 18.72 -18.69 13.22
N GLY C 138 18.36 -17.53 13.74
CA GLY C 138 18.49 -16.32 12.95
C GLY C 138 19.86 -15.69 12.96
N THR C 139 20.82 -16.29 13.67
CA THR C 139 22.13 -15.68 13.81
C THR C 139 23.19 -16.47 13.07
N ILE C 140 24.23 -15.76 12.63
CA ILE C 140 25.42 -16.35 12.06
C ILE C 140 26.60 -15.88 12.92
N GLY C 141 27.20 -16.81 13.66
CA GLY C 141 28.31 -16.46 14.53
C GLY C 141 27.98 -15.33 15.49
N GLY C 142 26.79 -15.35 16.08
CA GLY C 142 26.35 -14.31 16.98
C GLY C 142 25.87 -13.04 16.31
N VAL C 143 25.82 -13.00 14.98
CA VAL C 143 25.43 -11.83 14.21
C VAL C 143 24.03 -12.06 13.66
N PRO C 144 23.04 -11.20 14.00
CA PRO C 144 21.75 -11.29 13.32
C PRO C 144 21.91 -11.28 11.80
N CYS C 145 21.57 -12.41 11.18
CA CYS C 145 21.77 -12.59 9.75
C CYS C 145 20.86 -13.73 9.30
N LYS C 146 19.56 -13.43 9.18
CA LYS C 146 18.58 -14.47 8.91
C LYS C 146 18.80 -15.13 7.55
N LEU C 147 19.29 -14.35 6.58
CA LEU C 147 19.34 -14.78 5.16
C LEU C 147 17.97 -15.26 4.70
N GLN C 148 16.92 -14.63 5.22
CA GLN C 148 15.55 -14.93 4.84
C GLN C 148 14.76 -13.63 4.93
N LEU C 149 13.71 -13.54 4.12
CA LEU C 149 12.73 -12.48 4.29
C LEU C 149 11.78 -12.89 5.41
N SER C 150 11.76 -12.12 6.49
CA SER C 150 10.96 -12.48 7.65
C SER C 150 9.48 -12.21 7.37
N PRO C 151 8.58 -12.86 8.10
CA PRO C 151 7.15 -12.55 7.96
C PRO C 151 6.89 -11.08 8.19
N ILE C 152 6.02 -10.52 7.36
CA ILE C 152 5.80 -9.07 7.32
C ILE C 152 4.68 -8.70 8.26
N GLN C 153 5.02 -7.96 9.31
CA GLN C 153 4.16 -7.30 10.27
C GLN C 153 4.53 -5.82 10.30
N PRO C 154 3.60 -4.94 10.67
CA PRO C 154 3.91 -3.50 10.67
C PRO C 154 5.03 -3.18 11.65
N LYS C 155 6.00 -2.40 11.19
CA LYS C 155 7.12 -1.94 12.01
C LYS C 155 7.47 -0.52 11.61
N ARG C 156 7.65 0.35 12.59
CA ARG C 156 7.90 1.75 12.30
C ARG C 156 9.15 1.88 11.43
N PRO C 157 9.13 2.76 10.43
CA PRO C 157 10.29 2.88 9.53
C PRO C 157 11.52 3.38 10.26
N ALA C 158 12.61 2.63 10.11
CA ALA C 158 13.87 2.94 10.77
C ALA C 158 14.99 3.01 9.74
N ALA C 159 15.93 3.93 9.95
CA ALA C 159 17.03 4.18 9.04
C ALA C 159 18.34 4.17 9.83
N THR C 160 19.06 3.06 9.78
CA THR C 160 20.34 2.97 10.48
C THR C 160 21.46 2.55 9.56
N TYR C 161 21.37 1.38 8.94
CA TYR C 161 22.40 0.99 8.01
C TYR C 161 22.11 1.47 6.58
N LEU C 162 20.91 1.94 6.32
CA LEU C 162 20.60 2.61 5.06
C LEU C 162 19.95 3.93 5.42
N GLY C 163 20.72 5.02 5.30
CA GLY C 163 20.27 6.33 5.65
C GLY C 163 20.11 7.23 4.44
N LYS C 164 19.93 8.52 4.72
CA LYS C 164 19.79 9.47 3.62
C LYS C 164 21.07 9.60 2.82
N ALA C 165 22.23 9.40 3.44
CA ALA C 165 23.48 9.55 2.71
C ALA C 165 23.87 8.31 1.95
N GLY C 166 23.49 7.14 2.45
CA GLY C 166 23.82 5.88 1.83
C GLY C 166 23.92 4.79 2.89
N TYR C 167 24.80 3.82 2.63
CA TYR C 167 24.96 2.66 3.49
C TYR C 167 26.10 2.98 4.45
N VAL C 168 25.73 3.45 5.66
CA VAL C 168 26.68 4.10 6.55
C VAL C 168 27.76 3.16 7.07
N GLY C 169 27.52 1.85 7.02
CA GLY C 169 28.55 0.90 7.41
C GLY C 169 29.47 0.46 6.30
N LEU C 170 29.15 0.80 5.05
CA LEU C 170 29.94 0.35 3.90
C LEU C 170 30.84 1.49 3.42
N THR C 171 31.82 1.79 4.27
CA THR C 171 32.75 2.87 4.03
C THR C 171 33.89 2.42 3.11
N ARG C 172 34.67 3.40 2.64
CA ARG C 172 35.94 3.09 1.99
C ARG C 172 36.78 2.23 2.93
N GLN C 173 37.20 1.06 2.46
CA GLN C 173 37.97 0.15 3.28
C GLN C 173 39.44 0.50 3.18
N ALA C 174 40.10 0.66 4.34
CA ALA C 174 41.49 1.07 4.35
C ALA C 174 42.45 -0.08 4.05
N ASP C 175 42.13 -1.30 4.50
CA ASP C 175 43.06 -2.41 4.33
C ASP C 175 42.25 -3.70 4.28
N ALA C 176 41.73 -4.02 3.09
CA ALA C 176 40.97 -5.25 2.91
C ALA C 176 41.82 -6.48 3.20
N ALA C 177 43.07 -6.49 2.76
CA ALA C 177 43.90 -7.69 2.87
C ALA C 177 44.12 -8.10 4.32
N ASN C 178 44.06 -7.15 5.26
CA ASN C 178 44.20 -7.46 6.67
C ASN C 178 42.92 -7.36 7.46
N ASN C 179 42.00 -6.47 7.08
CA ASN C 179 40.77 -6.28 7.84
C ASN C 179 39.61 -7.11 7.31
N PHE C 180 39.59 -7.39 6.01
CA PHE C 180 38.55 -8.20 5.38
C PHE C 180 38.94 -9.67 5.26
N HIS C 181 40.17 -9.94 4.80
CA HIS C 181 40.64 -11.31 4.57
C HIS C 181 41.33 -11.88 5.79
N ASP C 182 41.14 -13.18 6.02
CA ASP C 182 41.84 -13.91 7.05
C ASP C 182 43.31 -14.12 6.65
N ASN C 183 44.10 -14.65 7.57
CA ASN C 183 45.50 -14.96 7.30
C ASN C 183 45.70 -16.32 6.66
N ASP C 184 44.86 -17.32 6.99
CA ASP C 184 45.11 -18.67 6.47
C ASP C 184 43.87 -19.44 6.03
N ALA C 185 42.65 -18.99 6.31
CA ALA C 185 41.47 -19.70 5.84
C ALA C 185 41.45 -19.72 4.31
N GLU C 186 41.27 -20.90 3.74
CA GLU C 186 41.20 -21.02 2.29
C GLU C 186 39.79 -20.76 1.77
N CYS C 187 39.68 -20.06 0.65
CA CYS C 187 38.37 -19.72 0.11
C CYS C 187 38.50 -19.38 -1.37
N ARG C 188 38.03 -20.26 -2.25
CA ARG C 188 38.17 -20.01 -3.69
C ARG C 188 37.31 -18.84 -4.18
N LEU C 189 36.37 -18.34 -3.38
CA LEU C 189 35.55 -17.20 -3.75
C LEU C 189 36.26 -15.86 -3.48
N ALA C 190 37.52 -15.89 -3.03
CA ALA C 190 38.22 -14.64 -2.72
C ALA C 190 38.98 -14.06 -3.91
N SER C 191 39.17 -14.82 -4.99
CA SER C 191 39.87 -14.33 -6.17
C SER C 191 39.39 -15.15 -7.36
N GLY C 192 39.68 -14.65 -8.56
CA GLY C 192 39.43 -15.39 -9.78
C GLY C 192 40.64 -16.09 -10.35
N HIS C 193 41.77 -16.06 -9.64
CA HIS C 193 42.96 -16.75 -10.11
C HIS C 193 42.77 -18.26 -9.91
N ASN C 194 43.44 -19.05 -10.75
CA ASN C 194 43.19 -20.49 -10.72
C ASN C 194 43.92 -21.21 -9.60
N THR C 195 45.01 -20.65 -9.06
CA THR C 195 45.75 -21.40 -8.04
C THR C 195 44.94 -21.51 -6.75
N ASN C 196 44.37 -20.40 -6.30
CA ASN C 196 43.68 -20.34 -5.02
C ASN C 196 42.23 -19.90 -5.12
N GLY C 197 41.79 -19.39 -6.27
CA GLY C 197 40.44 -18.90 -6.38
C GLY C 197 39.56 -19.69 -7.34
N LEU C 198 38.76 -18.96 -8.10
CA LEU C 198 37.63 -19.56 -8.82
C LEU C 198 38.03 -20.17 -10.15
N GLY C 199 39.18 -19.77 -10.72
CA GLY C 199 39.59 -20.31 -11.99
C GLY C 199 39.99 -21.77 -11.90
N LYS C 200 39.78 -22.50 -13.00
CA LYS C 200 40.14 -23.91 -13.01
C LYS C 200 41.48 -24.07 -13.70
N SER C 201 41.51 -23.97 -15.03
CA SER C 201 42.74 -24.16 -15.77
C SER C 201 43.57 -22.89 -15.86
N GLY C 202 42.93 -21.73 -15.75
CA GLY C 202 43.62 -20.46 -15.70
C GLY C 202 42.73 -19.47 -14.99
N GLN C 203 43.21 -18.24 -14.89
CA GLN C 203 42.43 -17.19 -14.23
C GLN C 203 41.11 -16.97 -14.95
N LEU C 204 40.11 -16.51 -14.19
CA LEU C 204 38.89 -16.01 -14.81
C LEU C 204 39.24 -14.89 -15.79
N SER C 205 38.42 -14.74 -16.82
CA SER C 205 38.78 -13.81 -17.88
C SER C 205 38.59 -12.35 -17.48
N ALA C 206 37.93 -12.07 -16.36
CA ALA C 206 37.80 -10.71 -15.88
C ALA C 206 37.55 -10.73 -14.38
N ALA C 207 37.63 -9.56 -13.77
CA ALA C 207 37.14 -9.42 -12.41
C ALA C 207 35.67 -9.84 -12.35
N VAL C 208 35.27 -10.38 -11.21
CA VAL C 208 33.88 -10.78 -10.98
C VAL C 208 33.31 -9.94 -9.85
N THR C 209 32.17 -9.31 -10.08
CA THR C 209 31.51 -8.58 -8.99
C THR C 209 30.44 -9.46 -8.36
N MET C 210 30.33 -9.35 -7.04
CA MET C 210 29.37 -10.10 -6.26
C MET C 210 28.58 -9.16 -5.34
N ALA C 211 27.42 -9.66 -4.89
CA ALA C 211 26.51 -8.92 -4.01
C ALA C 211 26.08 -7.61 -4.67
N ALA C 212 25.51 -7.75 -5.86
CA ALA C 212 25.00 -6.63 -6.65
C ALA C 212 26.06 -5.55 -6.82
N GLY C 213 27.28 -5.96 -7.14
CA GLY C 213 28.32 -5.03 -7.49
C GLY C 213 29.09 -4.43 -6.33
N TYR C 214 28.89 -4.95 -5.11
CA TYR C 214 29.58 -4.36 -3.97
C TYR C 214 31.05 -4.76 -3.93
N VAL C 215 31.34 -6.04 -4.02
CA VAL C 215 32.70 -6.55 -3.89
C VAL C 215 33.22 -6.94 -5.27
N THR C 216 34.45 -6.54 -5.57
CA THR C 216 35.07 -6.82 -6.86
C THR C 216 36.15 -7.87 -6.65
N VAL C 217 35.96 -9.03 -7.25
CA VAL C 217 36.84 -10.17 -7.09
C VAL C 217 37.80 -10.16 -8.29
N ALA C 218 39.01 -9.64 -8.08
CA ALA C 218 39.99 -9.58 -9.16
C ALA C 218 40.38 -10.99 -9.62
N ASN C 219 40.79 -11.08 -10.87
CA ASN C 219 41.29 -12.34 -11.41
C ASN C 219 42.81 -12.48 -11.25
N SER C 220 43.41 -11.63 -10.44
CA SER C 220 44.81 -11.73 -10.03
C SER C 220 44.88 -12.12 -8.56
N GLN C 221 46.10 -12.43 -8.11
CA GLN C 221 46.32 -12.84 -6.72
C GLN C 221 46.38 -11.59 -5.83
N THR C 222 45.23 -10.95 -5.68
CA THR C 222 45.13 -9.72 -4.90
C THR C 222 43.83 -9.71 -4.10
N ALA C 223 43.84 -8.90 -3.05
CA ALA C 223 42.70 -8.76 -2.15
C ALA C 223 41.49 -8.22 -2.90
N VAL C 224 40.30 -8.52 -2.41
CA VAL C 224 39.12 -7.90 -2.99
C VAL C 224 39.12 -6.40 -2.72
N THR C 225 38.34 -5.70 -3.52
CA THR C 225 38.01 -4.31 -3.26
C THR C 225 36.51 -4.18 -3.12
N VAL C 226 36.07 -3.11 -2.47
CA VAL C 226 34.65 -2.88 -2.24
C VAL C 226 34.32 -1.45 -2.61
N GLN C 227 33.08 -1.27 -3.08
CA GLN C 227 32.55 0.06 -3.32
C GLN C 227 32.38 0.81 -1.99
N ALA C 228 32.69 2.10 -2.02
CA ALA C 228 32.28 2.97 -0.93
C ALA C 228 30.84 3.37 -1.23
N LEU C 229 29.91 2.95 -0.38
CA LEU C 229 28.49 3.19 -0.62
C LEU C 229 27.86 4.10 0.43
N ASP C 230 28.68 4.80 1.22
CA ASP C 230 28.17 5.64 2.31
C ASP C 230 27.89 7.07 1.89
N ALA C 231 28.23 7.48 0.66
CA ALA C 231 27.92 8.85 0.21
C ALA C 231 27.44 8.80 -1.25
N LEU C 232 26.29 8.18 -1.44
CA LEU C 232 25.80 7.90 -2.79
C LEU C 232 25.27 9.17 -3.47
N GLN C 233 25.32 9.12 -4.80
CA GLN C 233 24.70 10.10 -5.65
C GLN C 233 23.89 9.40 -6.73
N GLU C 234 22.81 10.04 -7.16
CA GLU C 234 21.96 9.46 -8.18
C GLU C 234 22.78 9.15 -9.43
N ALA C 235 22.51 8.01 -10.03
CA ALA C 235 23.25 7.56 -11.21
C ALA C 235 22.43 6.47 -11.89
N SER C 236 22.81 6.16 -13.13
CA SER C 236 22.25 5.08 -13.90
C SER C 236 23.35 4.13 -14.36
N GLY C 237 22.97 2.89 -14.62
CA GLY C 237 23.87 1.95 -15.28
C GLY C 237 25.14 1.63 -14.53
N ALA C 238 25.11 1.70 -13.21
CA ALA C 238 26.27 1.32 -12.41
C ALA C 238 26.24 -0.17 -12.10
N ALA C 239 27.43 -0.74 -11.90
CA ALA C 239 27.51 -2.15 -11.56
C ALA C 239 26.90 -2.44 -10.20
N HIS C 240 26.89 -1.44 -9.31
CA HIS C 240 26.23 -1.55 -8.02
C HIS C 240 24.87 -0.86 -7.99
N GLN C 241 24.19 -0.79 -9.15
CA GLN C 241 22.95 -0.05 -9.26
C GLN C 241 21.86 -0.44 -8.26
N PRO C 242 21.64 -1.73 -7.94
CA PRO C 242 20.59 -2.05 -6.96
C PRO C 242 20.81 -1.38 -5.61
N TRP C 243 22.06 -1.13 -5.25
CA TRP C 243 22.35 -0.36 -4.03
C TRP C 243 21.81 1.07 -4.17
N ILE C 244 22.08 1.71 -5.30
CA ILE C 244 21.59 3.07 -5.51
C ILE C 244 20.07 3.08 -5.58
N ASP C 245 19.48 2.10 -6.28
CA ASP C 245 18.03 2.07 -6.43
C ASP C 245 17.34 2.01 -5.08
N ALA C 246 17.80 1.12 -4.20
CA ALA C 246 17.17 1.01 -2.89
C ALA C 246 17.41 2.25 -2.04
N TRP C 247 18.63 2.81 -2.09
CA TRP C 247 18.93 4.05 -1.37
C TRP C 247 18.04 5.20 -1.84
N LYS C 248 17.92 5.35 -3.16
CA LYS C 248 17.07 6.38 -3.73
C LYS C 248 15.61 6.19 -3.34
N ALA C 249 15.15 4.93 -3.29
CA ALA C 249 13.74 4.72 -2.99
C ALA C 249 13.43 4.91 -1.51
N LYS C 250 14.35 4.50 -0.62
CA LYS C 250 14.10 4.71 0.80
C LYS C 250 14.17 6.21 1.15
N LYS C 251 15.13 6.91 0.56
CA LYS C 251 15.27 8.35 0.83
C LYS C 251 14.02 9.11 0.37
N ALA C 252 13.31 8.60 -0.63
CA ALA C 252 12.15 9.30 -1.18
C ALA C 252 10.90 9.19 -0.32
N LEU C 253 10.90 8.33 0.70
CA LEU C 253 9.69 8.11 1.47
C LEU C 253 9.41 9.32 2.39
N THR C 254 8.18 9.82 2.31
CA THR C 254 7.73 10.80 3.28
C THR C 254 7.06 10.16 4.49
N GLY C 255 6.59 8.91 4.36
CA GLY C 255 5.65 8.38 5.31
C GLY C 255 4.33 9.13 5.21
N ALA C 256 3.39 8.75 6.07
CA ALA C 256 2.06 9.35 6.10
C ALA C 256 2.09 10.62 6.96
N GLU C 257 2.93 11.56 6.52
CA GLU C 257 3.25 12.74 7.32
C GLU C 257 3.21 14.02 6.50
N THR C 258 2.78 13.93 5.25
CA THR C 258 2.57 15.14 4.46
C THR C 258 1.30 15.84 4.95
N ALA C 259 1.04 17.03 4.40
CA ALA C 259 0.04 17.90 5.03
C ALA C 259 -1.35 17.28 5.01
N GLU C 260 -1.64 16.39 4.04
CA GLU C 260 -2.92 15.68 4.02
C GLU C 260 -3.21 14.98 5.34
N PHE C 261 -2.17 14.48 6.01
CA PHE C 261 -2.36 13.56 7.12
C PHE C 261 -2.20 14.22 8.49
N ARG C 262 -1.80 15.50 8.47
CA ARG C 262 -1.54 16.25 9.73
C ARG C 262 -2.65 17.27 9.98
N ASN C 263 -2.91 17.59 11.24
CA ASN C 263 -3.94 18.59 11.61
C ASN C 263 -3.33 19.99 11.50
N GLU C 264 -4.15 21.00 11.23
CA GLU C 264 -3.65 22.39 11.04
C GLU C 264 -3.82 23.19 12.35
N THR C 265 -2.83 24.03 12.66
CA THR C 265 -2.89 24.87 13.86
C THR C 265 -3.19 26.32 13.55
N ALA C 266 -3.30 26.69 12.27
CA ALA C 266 -3.33 28.10 11.90
C ALA C 266 -4.64 28.77 12.33
N GLY C 267 -4.71 30.08 12.11
CA GLY C 267 -5.96 30.80 12.29
C GLY C 267 -7.06 30.23 11.41
N ILE C 268 -8.31 30.46 11.85
CA ILE C 268 -9.44 29.78 11.23
C ILE C 268 -9.52 30.09 9.74
N ALA C 269 -9.38 31.36 9.37
CA ALA C 269 -9.48 31.72 7.96
C ALA C 269 -8.39 31.11 7.10
N GLY C 270 -7.29 30.63 7.69
CA GLY C 270 -6.26 29.96 6.92
C GLY C 270 -6.43 28.46 6.78
N LYS C 271 -7.43 27.90 7.47
CA LYS C 271 -7.63 26.45 7.46
C LYS C 271 -8.26 26.01 6.15
N THR C 272 -7.85 24.82 5.70
CA THR C 272 -8.36 24.21 4.47
C THR C 272 -9.86 24.38 4.33
N GLY C 273 -10.29 24.92 3.19
CA GLY C 273 -11.69 25.00 2.83
C GLY C 273 -12.48 26.16 3.43
N VAL C 274 -11.97 26.78 4.49
CA VAL C 274 -12.82 27.66 5.31
C VAL C 274 -13.19 28.94 4.55
N THR C 275 -12.19 29.68 4.06
CA THR C 275 -12.49 31.02 3.57
C THR C 275 -13.30 30.99 2.28
N LYS C 276 -13.04 30.04 1.38
CA LYS C 276 -13.87 29.90 0.18
C LYS C 276 -15.33 29.69 0.55
N LEU C 277 -15.58 28.87 1.56
CA LEU C 277 -16.94 28.65 2.06
C LEU C 277 -17.53 29.91 2.66
N VAL C 278 -16.74 30.69 3.42
CA VAL C 278 -17.27 31.91 4.00
C VAL C 278 -17.63 32.93 2.91
N GLU C 279 -16.67 33.21 2.02
CA GLU C 279 -16.89 34.16 0.93
C GLU C 279 -18.11 33.80 0.07
N GLU C 280 -18.21 32.53 -0.34
CA GLU C 280 -19.26 32.18 -1.29
C GLU C 280 -20.61 31.97 -0.62
N ALA C 281 -20.64 31.33 0.54
CA ALA C 281 -21.92 30.96 1.14
C ALA C 281 -22.41 31.93 2.19
N LEU C 282 -21.50 32.64 2.88
CA LEU C 282 -21.91 33.54 3.96
C LEU C 282 -21.84 35.01 3.55
N LEU C 283 -20.67 35.49 3.12
CA LEU C 283 -20.54 36.87 2.66
C LEU C 283 -21.19 37.08 1.31
N LYS C 284 -21.26 36.04 0.47
CA LYS C 284 -21.92 36.09 -0.83
C LYS C 284 -21.33 37.19 -1.72
N LYS C 285 -20.03 37.43 -1.58
CA LYS C 285 -19.35 38.48 -2.33
C LYS C 285 -17.90 38.10 -2.48
N LYS C 286 -17.27 38.58 -3.55
CA LYS C 286 -15.86 38.35 -3.78
C LYS C 286 -15.07 39.61 -3.44
N ASP C 287 -13.75 39.44 -3.32
CA ASP C 287 -12.84 40.54 -2.98
C ASP C 287 -13.18 41.14 -1.62
N SER C 288 -13.50 40.27 -0.66
CA SER C 288 -13.76 40.68 0.71
C SER C 288 -12.44 40.72 1.47
N GLU C 289 -12.19 41.81 2.19
CA GLU C 289 -10.91 41.97 2.87
C GLU C 289 -10.80 40.99 4.04
N ALA C 290 -9.57 40.88 4.53
CA ALA C 290 -9.28 39.95 5.63
C ALA C 290 -10.08 40.29 6.88
N SER C 291 -10.30 41.59 7.13
CA SER C 291 -11.06 42.00 8.30
C SER C 291 -12.53 41.56 8.19
N GLU C 292 -13.08 41.60 6.97
CA GLU C 292 -14.47 41.15 6.78
C GLU C 292 -14.62 39.65 6.97
N ILE C 293 -13.64 38.87 6.52
CA ILE C 293 -13.71 37.42 6.72
C ILE C 293 -13.64 37.10 8.20
N GLN C 294 -12.77 37.80 8.94
CA GLN C 294 -12.64 37.57 10.37
C GLN C 294 -13.92 37.94 11.12
N THR C 295 -14.53 39.06 10.73
CA THR C 295 -15.74 39.49 11.41
C THR C 295 -16.87 38.48 11.18
N GLU C 296 -17.02 38.00 9.94
CA GLU C 296 -18.05 37.01 9.67
C GLU C 296 -17.76 35.71 10.42
N LEU C 297 -16.49 35.33 10.51
CA LEU C 297 -16.11 34.12 11.23
C LEU C 297 -16.48 34.20 12.71
N LYS C 298 -16.36 35.40 13.30
CA LYS C 298 -16.67 35.56 14.73
C LYS C 298 -18.13 35.23 15.03
N LYS C 299 -19.04 35.47 14.08
CA LYS C 299 -20.43 35.07 14.24
C LYS C 299 -20.57 33.59 14.60
N TYR C 300 -19.69 32.73 14.09
CA TYR C 300 -19.89 31.29 14.21
C TYR C 300 -18.91 30.61 15.15
N PHE C 301 -17.71 31.18 15.35
CA PHE C 301 -16.68 30.62 16.22
C PHE C 301 -16.34 31.49 17.44
N SER C 302 -16.98 32.65 17.61
CA SER C 302 -16.70 33.63 18.67
C SER C 302 -15.33 34.29 18.52
N GLY C 303 -14.66 34.10 17.39
CA GLY C 303 -13.29 34.54 17.21
C GLY C 303 -12.74 33.89 15.96
N HIS C 304 -11.46 34.14 15.70
CA HIS C 304 -10.90 33.60 14.45
C HIS C 304 -9.54 32.95 14.63
N GLU C 305 -9.15 32.60 15.86
CA GLU C 305 -7.90 31.90 16.10
C GLU C 305 -8.13 30.41 16.34
N ASN C 306 -7.03 29.66 16.36
CA ASN C 306 -7.11 28.20 16.51
C ASN C 306 -7.82 27.80 17.79
N GLU C 307 -7.69 28.61 18.85
CA GLU C 307 -8.33 28.30 20.13
C GLU C 307 -9.85 28.25 20.00
N GLN C 308 -10.45 29.11 19.15
CA GLN C 308 -11.90 29.08 18.98
C GLN C 308 -12.36 27.93 18.11
N TRP C 309 -11.54 27.50 17.15
CA TRP C 309 -11.79 26.25 16.44
C TRP C 309 -11.85 25.09 17.42
N THR C 310 -10.81 24.95 18.25
CA THR C 310 -10.76 23.91 19.26
C THR C 310 -12.01 23.92 20.13
N ALA C 311 -12.52 25.10 20.46
CA ALA C 311 -13.69 25.19 21.32
C ALA C 311 -14.92 24.63 20.63
N ILE C 312 -15.07 24.92 19.34
CA ILE C 312 -16.17 24.36 18.56
C ILE C 312 -16.04 22.85 18.46
N GLU C 313 -14.83 22.36 18.26
CA GLU C 313 -14.60 20.91 18.19
C GLU C 313 -15.02 20.24 19.49
N LYS C 314 -14.75 20.87 20.64
CA LYS C 314 -15.16 20.29 21.91
C LYS C 314 -16.68 20.22 22.02
N LEU C 315 -17.39 21.23 21.51
CA LEU C 315 -18.85 21.18 21.53
C LEU C 315 -19.36 20.02 20.67
N ILE C 316 -18.79 19.87 19.48
CA ILE C 316 -19.10 18.72 18.62
C ILE C 316 -18.90 17.42 19.38
N SER C 317 -17.77 17.30 20.08
CA SER C 317 -17.37 16.03 20.68
C SER C 317 -18.23 15.68 21.89
N GLU C 318 -18.74 16.68 22.62
CA GLU C 318 -19.60 16.40 23.76
C GLU C 318 -21.06 16.15 23.35
N GLN C 319 -21.43 16.45 22.12
CA GLN C 319 -22.81 16.29 21.69
C GLN C 319 -23.20 14.81 21.68
N PRO C 320 -24.30 14.42 22.34
CA PRO C 320 -24.70 13.01 22.34
C PRO C 320 -25.66 12.68 21.21
N VAL C 321 -25.52 11.46 20.71
CA VAL C 321 -26.49 10.90 19.77
C VAL C 321 -27.53 10.15 20.59
N ALA C 322 -28.65 9.80 19.98
CA ALA C 322 -29.69 9.07 20.69
C ALA C 322 -29.15 7.73 21.18
N GLN C 323 -29.69 7.28 22.33
CA GLN C 323 -29.16 6.07 22.94
C GLN C 323 -29.46 4.83 22.10
N ASN C 324 -30.56 4.85 21.34
CA ASN C 324 -30.94 3.65 20.59
C ASN C 324 -30.10 3.46 19.33
N LEU C 325 -29.32 4.46 18.92
CA LEU C 325 -28.46 4.31 17.75
C LEU C 325 -27.13 3.65 18.08
N VAL C 326 -26.72 3.65 19.34
CA VAL C 326 -25.43 3.11 19.76
C VAL C 326 -25.68 2.21 20.96
N GLY C 327 -25.78 0.91 20.71
CA GLY C 327 -25.96 -0.11 21.73
C GLY C 327 -27.00 0.27 22.76
N ASP C 328 -26.77 -0.18 24.00
CA ASP C 328 -27.71 0.06 25.09
C ASP C 328 -27.03 0.74 26.26
N ASN C 329 -25.98 0.13 26.81
CA ASN C 329 -25.10 0.78 27.77
C ASN C 329 -23.90 1.44 27.08
N GLN C 330 -24.01 1.72 25.79
CA GLN C 330 -22.90 2.19 25.00
C GLN C 330 -22.76 3.71 25.08
N PRO C 331 -21.58 4.25 24.82
CA PRO C 331 -21.40 5.70 24.83
C PRO C 331 -22.27 6.38 23.78
N THR C 332 -22.69 7.60 24.08
CA THR C 332 -23.47 8.38 23.12
C THR C 332 -22.77 9.66 22.65
N LYS C 333 -21.84 10.20 23.43
CA LYS C 333 -21.13 11.39 23.00
C LYS C 333 -20.37 11.10 21.72
N LEU C 334 -20.47 12.02 20.75
CA LEU C 334 -19.84 11.83 19.45
C LEU C 334 -18.34 11.56 19.59
N GLY C 335 -17.68 12.28 20.49
CA GLY C 335 -16.25 12.10 20.69
C GLY C 335 -15.87 10.75 21.26
N GLU C 336 -16.82 10.02 21.84
CA GLU C 336 -16.60 8.66 22.30
C GLU C 336 -17.03 7.62 21.27
N LEU C 337 -17.33 8.04 20.05
CA LEU C 337 -17.65 7.15 18.95
C LEU C 337 -16.57 7.25 17.89
N GLU C 338 -16.20 6.11 17.29
CA GLU C 338 -15.22 6.13 16.22
C GLU C 338 -15.52 5.00 15.25
N GLY C 339 -14.94 5.12 14.05
CA GLY C 339 -15.16 4.16 12.99
C GLY C 339 -15.99 4.84 11.91
N ASN C 340 -15.51 4.80 10.66
CA ASN C 340 -16.21 5.54 9.61
C ASN C 340 -17.60 4.97 9.36
N ALA C 341 -17.69 3.66 9.07
CA ALA C 341 -18.98 3.06 8.77
C ALA C 341 -19.99 3.31 9.89
N LYS C 342 -19.56 3.18 11.14
CA LYS C 342 -20.45 3.37 12.28
C LYS C 342 -21.00 4.79 12.32
N LEU C 343 -20.12 5.79 12.15
CA LEU C 343 -20.60 7.17 12.16
C LEU C 343 -21.40 7.49 10.90
N THR C 344 -21.05 6.86 9.77
CA THR C 344 -21.84 7.05 8.55
C THR C 344 -23.30 6.67 8.77
N THR C 345 -23.56 5.50 9.36
CA THR C 345 -24.96 5.10 9.57
C THR C 345 -25.67 6.07 10.53
N ILE C 346 -24.94 6.66 11.48
CA ILE C 346 -25.57 7.59 12.40
C ILE C 346 -25.91 8.90 11.69
N LEU C 347 -24.98 9.41 10.87
CA LEU C 347 -25.27 10.60 10.05
C LEU C 347 -26.51 10.38 9.21
N ALA C 348 -26.59 9.23 8.53
CA ALA C 348 -27.73 8.95 7.64
C ALA C 348 -29.04 9.11 8.38
N TYR C 349 -29.09 8.63 9.62
CA TYR C 349 -30.32 8.72 10.41
C TYR C 349 -30.72 10.17 10.63
N TYR C 350 -29.78 10.99 11.14
CA TYR C 350 -30.08 12.40 11.40
C TYR C 350 -30.36 13.16 10.12
N ARG C 351 -29.73 12.77 9.01
CA ARG C 351 -30.00 13.41 7.74
C ARG C 351 -31.43 13.10 7.34
N MET C 352 -31.87 11.89 7.60
CA MET C 352 -33.26 11.54 7.31
C MET C 352 -34.21 12.30 8.23
N GLU C 353 -33.84 12.50 9.50
CA GLU C 353 -34.64 13.32 10.39
C GLU C 353 -34.76 14.74 9.86
N THR C 354 -33.67 15.28 9.32
CA THR C 354 -33.72 16.62 8.74
C THR C 354 -34.66 16.67 7.53
N ALA C 355 -34.68 15.59 6.74
CA ALA C 355 -35.51 15.55 5.55
C ALA C 355 -37.00 15.66 5.86
N GLY C 356 -37.42 15.25 7.06
CA GLY C 356 -38.82 15.28 7.43
C GLY C 356 -39.33 16.62 7.93
N VAL D 2 10.32 15.86 0.87
CA VAL D 2 9.54 16.78 0.05
C VAL D 2 10.47 17.90 -0.41
N GLN D 3 10.44 18.23 -1.69
CA GLN D 3 11.35 19.25 -2.19
C GLN D 3 10.61 20.13 -3.21
N LEU D 4 10.69 21.43 -3.00
CA LEU D 4 10.25 22.43 -3.97
C LEU D 4 11.49 23.16 -4.48
N GLN D 5 11.79 23.02 -5.77
CA GLN D 5 13.03 23.53 -6.33
C GLN D 5 12.72 24.57 -7.40
N GLU D 6 13.17 25.80 -7.17
CA GLU D 6 12.96 26.91 -8.10
C GLU D 6 14.06 26.95 -9.15
N SER D 7 13.71 27.53 -10.30
CA SER D 7 14.67 27.73 -11.38
C SER D 7 14.26 28.97 -12.16
N GLY D 8 15.15 29.39 -13.05
CA GLY D 8 14.85 30.47 -13.97
C GLY D 8 15.36 31.83 -13.54
N GLY D 9 15.99 31.93 -12.38
CA GLY D 9 16.55 33.19 -11.95
C GLY D 9 17.73 33.62 -12.82
N GLY D 10 18.06 34.90 -12.72
CA GLY D 10 19.19 35.42 -13.44
C GLY D 10 19.27 36.92 -13.34
N LEU D 11 20.22 37.48 -14.08
CA LEU D 11 20.38 38.92 -14.20
C LEU D 11 19.76 39.37 -15.51
N VAL D 12 18.71 40.18 -15.43
CA VAL D 12 18.03 40.71 -16.60
C VAL D 12 18.07 42.23 -16.54
N GLN D 13 17.83 42.84 -17.69
CA GLN D 13 17.68 44.28 -17.77
C GLN D 13 16.23 44.66 -17.46
N ALA D 14 16.03 45.92 -17.09
CA ALA D 14 14.70 46.42 -16.81
C ALA D 14 13.82 46.31 -18.05
N GLY D 15 12.53 46.05 -17.84
CA GLY D 15 11.59 45.87 -18.93
C GLY D 15 11.65 44.51 -19.59
N GLY D 16 12.60 43.65 -19.22
CA GLY D 16 12.73 42.33 -19.80
C GLY D 16 11.81 41.32 -19.12
N SER D 17 12.08 40.05 -19.39
CA SER D 17 11.20 38.98 -18.94
C SER D 17 12.00 37.82 -18.35
N LEU D 18 11.40 37.16 -17.36
CA LEU D 18 11.91 35.93 -16.79
C LEU D 18 10.76 34.96 -16.59
N THR D 19 11.07 33.67 -16.73
CA THR D 19 10.12 32.60 -16.47
C THR D 19 10.67 31.77 -15.31
N LEU D 20 10.05 31.86 -14.15
CA LEU D 20 10.42 31.01 -13.03
C LEU D 20 9.64 29.71 -13.10
N SER D 21 10.32 28.61 -12.81
CA SER D 21 9.71 27.31 -12.71
C SER D 21 9.93 26.78 -11.30
N CYS D 22 9.03 25.93 -10.83
CA CYS D 22 9.19 25.31 -9.52
C CYS D 22 8.71 23.87 -9.61
N ALA D 23 9.66 22.94 -9.61
CA ALA D 23 9.38 21.51 -9.68
C ALA D 23 9.20 20.97 -8.27
N VAL D 24 8.10 20.25 -8.06
CA VAL D 24 7.74 19.69 -6.76
C VAL D 24 7.95 18.17 -6.81
N SER D 25 8.62 17.65 -5.80
CA SER D 25 8.84 16.21 -5.69
C SER D 25 8.40 15.73 -4.32
N GLY D 26 8.03 14.45 -4.26
CA GLY D 26 7.61 13.85 -3.00
C GLY D 26 6.23 14.22 -2.52
N LEU D 27 5.46 14.98 -3.32
CA LEU D 27 4.12 15.40 -2.93
C LEU D 27 3.14 15.09 -4.05
N THR D 28 1.86 14.93 -3.68
CA THR D 28 0.81 14.87 -4.68
C THR D 28 0.56 16.29 -5.16
N PHE D 29 1.17 16.65 -6.29
CA PHE D 29 1.12 18.03 -6.75
C PHE D 29 -0.32 18.51 -6.92
N SER D 30 -1.19 17.65 -7.46
CA SER D 30 -2.57 18.06 -7.73
C SER D 30 -3.38 18.30 -6.47
N ASN D 31 -2.87 17.94 -5.29
CA ASN D 31 -3.56 18.25 -4.04
C ASN D 31 -3.23 19.65 -3.51
N TYR D 32 -2.29 20.38 -4.11
CA TYR D 32 -1.73 21.57 -3.48
C TYR D 32 -1.96 22.82 -4.32
N ALA D 33 -2.38 23.90 -3.67
CA ALA D 33 -2.23 25.22 -4.26
C ALA D 33 -0.75 25.60 -4.22
N MET D 34 -0.33 26.42 -5.18
CA MET D 34 1.06 26.87 -5.26
C MET D 34 1.08 28.37 -5.36
N GLY D 35 2.05 28.99 -4.68
CA GLY D 35 2.24 30.42 -4.76
C GLY D 35 3.70 30.79 -4.82
N TRP D 36 3.94 32.06 -5.13
CA TRP D 36 5.28 32.63 -5.21
C TRP D 36 5.39 33.78 -4.21
N PHE D 37 6.53 33.84 -3.53
CA PHE D 37 6.87 34.94 -2.64
C PHE D 37 8.24 35.47 -3.01
N ARG D 38 8.58 36.65 -2.48
CA ARG D 38 9.89 37.23 -2.75
C ARG D 38 10.36 38.03 -1.54
N GLN D 39 11.68 38.09 -1.37
CA GLN D 39 12.24 38.84 -0.24
C GLN D 39 13.47 39.65 -0.66
N GLY D 42 17.61 43.18 2.09
CA GLY D 42 17.23 43.27 3.50
C GLY D 42 15.83 43.82 3.72
N LYS D 43 14.87 43.29 2.98
CA LYS D 43 13.50 43.75 3.04
C LYS D 43 12.62 42.60 3.52
N GLU D 44 11.37 42.93 3.82
CA GLU D 44 10.44 41.89 4.26
C GLU D 44 10.01 41.03 3.08
N ARG D 45 9.72 39.76 3.37
CA ARG D 45 9.21 38.87 2.34
C ARG D 45 7.76 39.22 2.05
N GLU D 46 7.39 39.18 0.77
CA GLU D 46 6.06 39.59 0.35
C GLU D 46 5.45 38.55 -0.57
N PHE D 47 4.12 38.48 -0.53
CA PHE D 47 3.35 37.66 -1.47
C PHE D 47 3.49 38.22 -2.88
N VAL D 48 3.67 37.33 -3.86
CA VAL D 48 3.70 37.72 -5.26
C VAL D 48 2.46 37.26 -6.01
N ALA D 49 2.17 35.96 -5.98
CA ALA D 49 1.08 35.39 -6.77
C ALA D 49 0.82 33.96 -6.33
N ALA D 50 -0.40 33.48 -6.62
CA ALA D 50 -0.76 32.11 -6.26
C ALA D 50 -1.80 31.56 -7.20
N ILE D 51 -1.90 30.24 -7.21
CA ILE D 51 -2.92 29.54 -7.97
C ILE D 51 -3.51 28.45 -7.08
N THR D 52 -4.84 28.33 -7.10
CA THR D 52 -5.53 27.37 -6.25
C THR D 52 -5.21 25.94 -6.68
N TRP D 53 -5.52 24.99 -5.78
CA TRP D 53 -5.16 23.59 -6.01
C TRP D 53 -5.71 23.07 -7.33
N ASP D 54 -6.92 23.50 -7.71
CA ASP D 54 -7.56 22.97 -8.90
C ASP D 54 -7.30 23.83 -10.13
N GLY D 55 -6.54 24.90 -10.00
CA GLY D 55 -6.27 25.79 -11.10
C GLY D 55 -7.37 26.77 -11.40
N GLY D 56 -8.43 26.80 -10.59
CA GLY D 56 -9.61 27.58 -10.92
C GLY D 56 -9.47 29.07 -10.71
N ASN D 57 -8.51 29.51 -9.89
CA ASN D 57 -8.34 30.92 -9.57
C ASN D 57 -6.86 31.25 -9.45
N THR D 58 -6.52 32.49 -9.76
CA THR D 58 -5.17 33.00 -9.58
C THR D 58 -5.24 34.34 -8.88
N TYR D 59 -4.25 34.61 -8.01
CA TYR D 59 -4.22 35.83 -7.23
C TYR D 59 -2.86 36.50 -7.37
N TYR D 60 -2.85 37.83 -7.32
CA TYR D 60 -1.63 38.62 -7.49
C TYR D 60 -1.64 39.76 -6.47
N THR D 61 -0.45 40.19 -6.06
CA THR D 61 -0.41 41.50 -5.43
C THR D 61 -0.50 42.58 -6.51
N ASP D 62 -0.95 43.77 -6.10
CA ASP D 62 -1.25 44.80 -7.07
C ASP D 62 -0.02 45.23 -7.88
N SER D 63 1.16 45.26 -7.25
CA SER D 63 2.33 45.81 -7.91
C SER D 63 2.80 44.98 -9.10
N VAL D 64 2.36 43.72 -9.21
CA VAL D 64 2.68 42.89 -10.37
C VAL D 64 1.45 42.55 -11.18
N LYS D 65 0.30 43.10 -10.84
CA LYS D 65 -0.92 42.84 -11.59
C LYS D 65 -0.75 43.29 -13.03
N GLY D 66 -1.04 42.38 -13.96
CA GLY D 66 -0.88 42.66 -15.37
C GLY D 66 0.52 42.45 -15.90
N ARG D 67 1.52 42.28 -15.03
CA ARG D 67 2.89 42.04 -15.45
C ARG D 67 3.31 40.59 -15.27
N PHE D 68 2.85 39.93 -14.21
CA PHE D 68 3.20 38.56 -13.90
C PHE D 68 2.00 37.66 -14.15
N THR D 69 2.27 36.41 -14.54
CA THR D 69 1.22 35.42 -14.72
C THR D 69 1.69 34.09 -14.15
N ILE D 70 0.89 33.52 -13.26
CA ILE D 70 1.17 32.22 -12.65
C ILE D 70 0.36 31.18 -13.41
N SER D 71 0.93 29.98 -13.54
CA SER D 71 0.29 28.87 -14.22
C SER D 71 0.86 27.58 -13.64
N ARG D 72 0.12 26.48 -13.80
CA ARG D 72 0.57 25.21 -13.25
C ARG D 72 0.42 24.15 -14.32
N ASP D 73 1.34 23.17 -14.31
CA ASP D 73 1.32 22.06 -15.25
C ASP D 73 1.42 20.77 -14.44
N ASN D 74 0.25 20.18 -14.15
CA ASN D 74 0.18 19.03 -13.24
C ASN D 74 0.99 17.83 -13.74
N ALA D 75 1.05 17.63 -15.06
CA ALA D 75 1.77 16.48 -15.58
C ALA D 75 3.27 16.56 -15.32
N LYS D 76 3.81 17.78 -15.14
CA LYS D 76 5.22 17.96 -14.85
C LYS D 76 5.48 18.32 -13.40
N ASN D 77 4.46 18.31 -12.55
CA ASN D 77 4.60 18.66 -11.13
C ASN D 77 5.23 20.04 -10.96
N THR D 78 4.86 20.98 -11.82
CA THR D 78 5.55 22.26 -11.88
C THR D 78 4.57 23.42 -11.88
N VAL D 79 4.85 24.43 -11.06
CA VAL D 79 4.18 25.72 -11.11
C VAL D 79 5.12 26.73 -11.76
N PHE D 80 4.59 27.61 -12.59
CA PHE D 80 5.36 28.60 -13.32
C PHE D 80 4.97 30.00 -12.89
N LEU D 81 5.95 30.91 -12.88
CA LEU D 81 5.69 32.33 -12.74
C LEU D 81 6.31 33.04 -13.94
N GLN D 82 5.44 33.54 -14.83
CA GLN D 82 5.89 34.32 -15.97
C GLN D 82 6.01 35.78 -15.53
N MET D 83 7.19 36.36 -15.69
CA MET D 83 7.46 37.70 -15.19
C MET D 83 7.84 38.59 -16.37
N ASN D 84 6.90 39.43 -16.79
CA ASN D 84 7.11 40.38 -17.87
C ASN D 84 7.29 41.78 -17.28
N SER D 85 7.82 42.68 -18.11
CA SER D 85 7.96 44.09 -17.76
C SER D 85 8.62 44.26 -16.41
N LEU D 86 9.76 43.59 -16.24
CA LEU D 86 10.43 43.58 -14.96
C LEU D 86 10.98 44.97 -14.63
N LYS D 87 11.10 45.24 -13.33
CA LYS D 87 11.56 46.51 -12.79
C LYS D 87 12.58 46.26 -11.69
N PRO D 88 13.55 47.16 -11.53
CA PRO D 88 14.55 46.99 -10.45
C PRO D 88 13.96 46.62 -9.09
N GLU D 89 12.82 47.22 -8.72
CA GLU D 89 12.15 46.84 -7.47
C GLU D 89 11.74 45.37 -7.44
N ASP D 90 11.71 44.69 -8.59
CA ASP D 90 11.43 43.26 -8.62
C ASP D 90 12.63 42.42 -8.21
N THR D 91 13.78 43.03 -7.95
CA THR D 91 14.95 42.30 -7.49
C THR D 91 14.67 41.67 -6.13
N ALA D 92 14.85 40.36 -6.05
CA ALA D 92 14.61 39.61 -4.81
C ALA D 92 14.92 38.14 -5.07
N VAL D 93 15.04 37.39 -3.98
CA VAL D 93 14.95 35.94 -4.05
C VAL D 93 13.48 35.55 -4.11
N TYR D 94 13.13 34.69 -5.06
CA TYR D 94 11.74 34.28 -5.26
C TYR D 94 11.56 32.85 -4.75
N TYR D 95 10.62 32.67 -3.84
CA TYR D 95 10.38 31.38 -3.20
C TYR D 95 9.08 30.78 -3.69
N CYS D 96 9.17 29.52 -4.10
CA CYS D 96 8.02 28.67 -4.31
C CYS D 96 7.42 28.26 -2.97
N ALA D 97 6.12 28.01 -2.95
CA ALA D 97 5.51 27.46 -1.74
C ALA D 97 4.23 26.72 -2.08
N ALA D 98 3.87 25.76 -1.23
CA ALA D 98 2.75 24.87 -1.49
C ALA D 98 1.81 24.82 -0.29
N LYS D 99 0.50 24.97 -0.53
CA LYS D 99 -0.50 24.87 0.52
C LYS D 99 -1.60 23.89 0.12
N LEU D 100 -1.83 22.89 0.98
CA LEU D 100 -2.80 21.84 0.68
C LEU D 100 -4.16 22.44 0.38
N LEU D 101 -4.70 22.09 -0.80
CA LEU D 101 -6.07 22.42 -1.20
C LEU D 101 -6.37 23.91 -1.09
N GLY D 102 -5.33 24.74 -1.20
CA GLY D 102 -5.53 26.19 -1.09
C GLY D 102 -6.55 26.68 -2.10
N SER D 103 -7.44 27.58 -1.62
CA SER D 103 -8.62 27.89 -2.43
C SER D 103 -9.19 29.30 -2.23
N SER D 104 -8.44 30.23 -1.66
CA SER D 104 -8.95 31.59 -1.47
C SER D 104 -7.77 32.55 -1.40
N ARG D 105 -8.06 33.84 -1.67
CA ARG D 105 -7.00 34.84 -1.62
C ARG D 105 -6.43 34.96 -0.21
N TYR D 106 -7.30 34.86 0.80
CA TYR D 106 -6.85 34.95 2.20
C TYR D 106 -5.74 33.95 2.49
N GLU D 107 -6.01 32.65 2.24
CA GLU D 107 -5.01 31.61 2.47
C GLU D 107 -3.73 31.92 1.71
N LEU D 108 -3.85 32.16 0.42
CA LEU D 108 -2.68 32.10 -0.43
C LEU D 108 -1.84 33.37 -0.37
N ALA D 109 -2.41 34.48 0.11
CA ALA D 109 -1.63 35.70 0.31
C ALA D 109 -1.14 35.87 1.74
N LEU D 110 -1.87 35.37 2.74
CA LEU D 110 -1.64 35.77 4.12
C LEU D 110 -1.50 34.64 5.12
N ALA D 111 -1.81 33.40 4.76
CA ALA D 111 -1.63 32.30 5.69
C ALA D 111 -0.24 31.69 5.52
N GLY D 112 0.10 30.82 6.46
CA GLY D 112 1.32 30.03 6.33
C GLY D 112 1.10 28.83 5.42
N TYR D 113 2.07 28.59 4.56
CA TYR D 113 2.03 27.47 3.62
C TYR D 113 2.61 26.22 4.28
N ASP D 114 2.49 25.08 3.58
CA ASP D 114 2.95 23.82 4.14
C ASP D 114 4.40 23.53 3.81
N TYR D 115 4.87 23.93 2.64
CA TYR D 115 6.22 23.62 2.19
C TYR D 115 6.77 24.82 1.44
N TRP D 116 8.07 25.04 1.59
CA TRP D 116 8.75 26.18 0.99
C TRP D 116 9.97 25.71 0.18
N GLY D 117 10.20 26.36 -0.95
CA GLY D 117 11.40 26.11 -1.71
C GLY D 117 12.61 26.81 -1.13
N GLN D 118 13.75 26.60 -1.79
CA GLN D 118 15.03 27.17 -1.36
C GLN D 118 15.31 28.53 -1.96
N GLY D 119 14.51 28.98 -2.91
CA GLY D 119 14.69 30.30 -3.49
C GLY D 119 15.43 30.25 -4.81
N THR D 120 15.29 31.34 -5.57
CA THR D 120 16.07 31.55 -6.79
C THR D 120 16.20 33.05 -6.96
N GLN D 121 17.41 33.49 -7.29
CA GLN D 121 17.73 34.91 -7.28
C GLN D 121 17.29 35.57 -8.58
N VAL D 122 16.69 36.74 -8.44
CA VAL D 122 16.25 37.54 -9.58
C VAL D 122 16.75 38.95 -9.35
N THR D 123 17.69 39.39 -10.17
CA THR D 123 18.18 40.76 -10.12
C THR D 123 17.94 41.40 -11.48
N VAL D 124 17.34 42.58 -11.47
CA VAL D 124 17.03 43.32 -12.69
C VAL D 124 17.72 44.67 -12.61
N SER D 125 18.52 44.99 -13.62
CA SER D 125 19.30 46.21 -13.61
C SER D 125 18.41 47.42 -13.87
N SER D 126 18.94 48.60 -13.55
CA SER D 126 18.32 49.84 -13.98
C SER D 126 18.85 50.22 -15.35
N HIS D 127 18.06 51.00 -16.07
CA HIS D 127 18.27 51.10 -17.54
C HIS D 127 18.92 52.45 -17.87
C1 NAG E . -21.24 2.19 -8.72
C2 NAG E . -19.98 2.81 -9.27
C3 NAG E . -20.17 4.31 -9.27
C4 NAG E . -21.43 4.70 -10.03
C5 NAG E . -22.63 3.97 -9.43
C6 NAG E . -23.97 4.18 -10.11
C7 NAG E . -17.77 1.87 -8.95
C8 NAG E . -16.74 1.46 -7.96
N2 NAG E . -18.84 2.45 -8.45
O3 NAG E . -19.08 4.91 -9.89
O4 NAG E . -21.61 6.10 -10.00
O5 NAG E . -22.36 2.61 -9.44
O6 NAG E . -23.84 3.93 -11.49
O7 NAG E . -17.62 1.66 -10.10
C1 NAG E . -21.81 6.70 -11.25
C2 NAG E . -22.48 8.06 -11.22
C3 NAG E . -22.75 8.55 -12.61
C4 NAG E . -21.51 8.66 -13.46
C5 NAG E . -20.91 7.29 -13.35
C6 NAG E . -19.59 7.20 -14.04
C7 NAG E . -23.93 8.42 -9.37
C8 NAG E . -25.29 8.14 -8.89
N2 NAG E . -23.72 7.95 -10.53
O3 NAG E . -23.34 9.80 -12.48
O4 NAG E . -22.12 8.47 -14.71
O5 NAG E . -20.70 6.85 -12.04
O6 NAG E . -18.74 8.03 -13.36
O7 NAG E . -23.13 9.00 -8.75
C1 BMA E . -21.88 9.03 -15.97
C2 BMA E . -23.23 9.63 -16.25
C3 BMA E . -23.32 10.26 -17.61
C4 BMA E . -22.24 11.33 -17.58
C5 BMA E . -20.92 10.66 -17.26
C6 BMA E . -19.62 11.40 -17.66
O2 BMA E . -23.45 10.65 -15.34
O3 BMA E . -24.64 10.84 -17.84
O4 BMA E . -22.08 12.02 -18.80
O5 BMA E . -20.97 10.07 -16.01
O6 BMA E . -18.97 12.16 -16.63
C1 NAG F . -7.38 16.10 14.03
C2 NAG F . -7.30 14.61 14.26
C3 NAG F . -8.67 14.11 14.64
C4 NAG F . -9.21 14.85 15.84
C5 NAG F . -9.19 16.32 15.55
C6 NAG F . -9.56 17.13 16.79
C7 NAG F . -5.84 13.11 13.10
C8 NAG F . -5.54 12.45 11.83
N2 NAG F . -6.85 13.93 13.10
O3 NAG F . -8.66 12.75 14.91
O4 NAG F . -10.53 14.47 16.01
O5 NAG F . -7.92 16.69 15.16
O6 NAG F . -8.62 17.10 17.84
O7 NAG F . -5.20 12.89 14.04
C1 NAG F . -10.78 14.00 17.29
C2 NAG F . -12.21 14.15 17.74
C3 NAG F . -12.30 13.81 19.21
C4 NAG F . -11.72 12.47 19.60
C5 NAG F . -10.35 12.44 18.99
C6 NAG F . -9.93 10.99 19.07
C7 NAG F . -13.62 15.72 16.64
C8 NAG F . -14.03 17.13 16.46
N2 NAG F . -12.70 15.47 17.52
O3 NAG F . -13.67 13.77 19.52
O4 NAG F . -11.45 12.87 20.96
O5 NAG F . -10.28 12.77 17.64
O6 NAG F . -8.59 10.92 18.65
O7 NAG F . -14.14 14.86 16.01
C1 BMA F . -11.21 12.15 22.17
C2 BMA F . -11.83 13.06 23.20
C3 BMA F . -11.88 12.50 24.61
C4 BMA F . -12.69 11.23 24.45
C5 BMA F . -12.04 10.33 23.43
C6 BMA F . -12.89 9.07 23.33
O2 BMA F . -13.20 13.26 22.86
O3 BMA F . -12.59 13.42 25.41
O4 BMA F . -12.73 10.42 25.60
O5 BMA F . -12.00 11.02 22.19
O6 BMA F . -12.20 7.84 23.57
#